data_5ZU4
#
_entry.id   5ZU4
#
_cell.length_a   105.049
_cell.length_b   105.049
_cell.length_c   168.080
_cell.angle_alpha   90.000
_cell.angle_beta   90.000
_cell.angle_gamma   90.000
#
_symmetry.space_group_name_H-M   'P 43 21 2'
#
loop_
_entity.id
_entity.type
_entity.pdbx_description
1 polymer 'Natterin-like protein'
2 non-polymer 1,2-ETHANEDIOL
3 non-polymer 'CHLORIDE ION'
4 non-polymer GLYCEROL
5 non-polymer DI(HYDROXYETHYL)ETHER
6 water water
#
_entity_poly.entity_id   1
_entity_poly.type   'polypeptide(L)'
_entity_poly.pdbx_seq_one_letter_code
;HMVYPTTLHIIGGQGGNAFSFNGQENAATLQKLSVSVGGWQVRGVQVWLTDGRRETFGAMDSSAKEFEFESGEFIKSLSL
WGNGAGTRLGAIKFITSRSREFFAKMTDWGLKTEYKIDVGSGICLGVQGRGGSDIDSMGFIFINAIKSSVIQDMKYPTMH
QILPNVQMEEIKEMEYKNDTSIVQSYTFESSKKIIKKSSWSTTNKIESTFSLSVKAGIPEVMEVETGFSFTVGSESTHAV
EESEEKTETLTFPVTVPTHKTVTVVANIGRADIDLPYTALLRITCVNGASLDAPLSGIYKGLTYTKMTAVATES
;
_entity_poly.pdbx_strand_id   A,B
#
loop_
_chem_comp.id
_chem_comp.type
_chem_comp.name
_chem_comp.formula
CL non-polymer 'CHLORIDE ION' 'Cl -1'
EDO non-polymer 1,2-ETHANEDIOL 'C2 H6 O2'
GOL non-polymer GLYCEROL 'C3 H8 O3'
PEG non-polymer DI(HYDROXYETHYL)ETHER 'C4 H10 O3'
#
# COMPACT_ATOMS: atom_id res chain seq x y z
N MET A 2 -29.26 28.04 -3.15
CA MET A 2 -28.57 27.43 -1.96
C MET A 2 -28.45 25.88 -2.09
N VAL A 3 -27.27 25.32 -1.76
CA VAL A 3 -27.01 23.86 -1.88
C VAL A 3 -26.73 23.15 -0.54
N TYR A 4 -27.07 21.87 -0.50
CA TYR A 4 -26.98 21.03 0.69
C TYR A 4 -26.18 19.75 0.43
N PRO A 5 -25.50 19.23 1.45
CA PRO A 5 -24.74 18.00 1.31
C PRO A 5 -25.56 16.69 1.29
N THR A 6 -26.88 16.76 1.56
CA THR A 6 -27.73 15.61 1.57
C THR A 6 -29.01 15.89 0.83
N THR A 7 -29.64 14.82 0.38
CA THR A 7 -30.89 14.92 -0.36
C THR A 7 -31.83 13.90 0.26
N LEU A 8 -33.07 14.30 0.42
CA LEU A 8 -34.10 13.55 1.08
C LEU A 8 -35.41 13.76 0.36
N HIS A 9 -36.01 12.69 -0.16
CA HIS A 9 -37.33 12.76 -0.75
C HIS A 9 -38.24 11.72 -0.09
N ILE A 10 -39.24 12.23 0.60
CA ILE A 10 -40.15 11.50 1.43
C ILE A 10 -41.42 11.23 0.67
N ILE A 11 -41.84 9.96 0.61
CA ILE A 11 -43.04 9.57 -0.06
C ILE A 11 -44.03 9.02 0.93
N GLY A 12 -45.28 9.37 0.75
CA GLY A 12 -46.38 8.75 1.48
C GLY A 12 -47.44 9.73 1.96
N GLY A 13 -48.02 9.45 3.12
CA GLY A 13 -49.18 10.19 3.61
C GLY A 13 -48.77 11.33 4.50
N GLN A 14 -49.77 12.02 5.03
CA GLN A 14 -49.58 13.16 5.91
C GLN A 14 -49.56 12.78 7.37
N GLY A 15 -50.06 11.58 7.74
CA GLY A 15 -50.23 11.20 9.15
C GLY A 15 -48.93 10.81 9.87
N GLY A 16 -49.05 10.52 11.17
CA GLY A 16 -47.98 9.98 12.00
C GLY A 16 -47.10 10.99 12.69
N ASN A 17 -46.16 10.51 13.51
CA ASN A 17 -45.17 11.34 14.17
C ASN A 17 -43.77 11.27 13.50
N ALA A 18 -43.09 12.40 13.50
CA ALA A 18 -41.85 12.55 12.80
C ALA A 18 -40.75 11.72 13.44
N PHE A 19 -39.93 11.11 12.58
CA PHE A 19 -38.69 10.51 13.01
C PHE A 19 -37.60 10.84 11.99
N SER A 20 -36.37 10.81 12.48
CA SER A 20 -35.18 10.98 11.69
C SER A 20 -34.14 10.13 12.32
N PHE A 21 -33.55 9.24 11.53
CA PHE A 21 -32.57 8.34 12.08
C PHE A 21 -31.41 8.38 11.09
N ASN A 22 -30.38 9.09 11.49
CA ASN A 22 -29.44 9.69 10.57
C ASN A 22 -28.02 9.60 11.13
N GLY A 23 -27.06 9.15 10.33
CA GLY A 23 -25.66 9.07 10.80
C GLY A 23 -24.76 10.20 10.35
N GLN A 24 -25.35 11.31 9.96
CA GLN A 24 -24.67 12.49 9.43
C GLN A 24 -23.56 13.00 10.34
N GLU A 25 -23.83 13.11 11.64
CA GLU A 25 -22.87 13.72 12.58
C GLU A 25 -21.56 12.96 12.65
N ASN A 26 -21.60 11.63 12.52
CA ASN A 26 -20.36 10.81 12.55
C ASN A 26 -20.03 10.06 11.24
N ALA A 27 -20.73 10.42 10.18
CA ALA A 27 -20.65 9.74 8.87
C ALA A 27 -20.86 8.22 8.90
N ALA A 28 -21.70 7.79 9.86
CA ALA A 28 -22.23 6.43 9.86
C ALA A 28 -23.30 6.32 8.75
N THR A 29 -23.30 5.19 8.05
CA THR A 29 -24.18 4.93 6.93
C THR A 29 -25.05 3.69 7.19
N LEU A 30 -26.07 3.53 6.36
CA LEU A 30 -26.99 2.41 6.41
C LEU A 30 -26.25 1.10 6.14
N GLN A 31 -26.29 0.19 7.12
CA GLN A 31 -25.74 -1.16 7.02
C GLN A 31 -26.82 -2.18 6.65
N LYS A 32 -28.02 -2.02 7.21
CA LYS A 32 -29.07 -3.00 7.07
C LYS A 32 -30.45 -2.38 7.31
N LEU A 33 -31.44 -2.98 6.68
CA LEU A 33 -32.78 -2.49 6.66
C LEU A 33 -33.60 -3.74 6.76
N SER A 34 -34.69 -3.67 7.50
CA SER A 34 -35.67 -4.75 7.48
C SER A 34 -37.04 -4.11 7.47
N VAL A 35 -37.94 -4.68 6.71
CA VAL A 35 -39.19 -4.04 6.42
C VAL A 35 -40.29 -5.08 6.60
N SER A 36 -41.38 -4.67 7.26
CA SER A 36 -42.60 -5.42 7.45
C SER A 36 -43.68 -4.72 6.65
N VAL A 37 -44.54 -5.53 6.05
CA VAL A 37 -45.60 -5.07 5.19
C VAL A 37 -46.93 -5.67 5.65
N GLY A 38 -48.00 -4.87 5.55
CA GLY A 38 -49.39 -5.34 5.71
C GLY A 38 -50.07 -5.23 4.34
N GLY A 39 -51.41 -5.32 4.32
CA GLY A 39 -52.17 -5.34 3.06
C GLY A 39 -52.16 -4.04 2.25
N TRP A 40 -52.17 -2.92 2.97
CA TRP A 40 -52.33 -1.60 2.38
C TRP A 40 -51.28 -0.59 2.83
N GLN A 41 -50.12 -1.09 3.27
CA GLN A 41 -49.09 -0.25 3.80
C GLN A 41 -47.80 -0.96 4.09
N VAL A 42 -46.72 -0.16 4.21
CA VAL A 42 -45.51 -0.62 4.87
C VAL A 42 -45.80 -0.48 6.37
N ARG A 43 -45.64 -1.56 7.11
CA ARG A 43 -46.04 -1.60 8.53
C ARG A 43 -44.93 -1.05 9.41
N GLY A 44 -43.69 -1.35 9.09
CA GLY A 44 -42.59 -0.93 9.89
C GLY A 44 -41.27 -1.13 9.17
N VAL A 45 -40.27 -0.46 9.70
CA VAL A 45 -38.92 -0.54 9.22
C VAL A 45 -38.03 -0.68 10.46
N GLN A 46 -37.00 -1.48 10.38
CA GLN A 46 -35.93 -1.44 11.35
C GLN A 46 -34.67 -1.13 10.56
N VAL A 47 -33.82 -0.30 11.13
CA VAL A 47 -32.67 0.21 10.45
C VAL A 47 -31.47 0.06 11.33
N TRP A 48 -30.36 -0.39 10.77
CA TRP A 48 -29.06 -0.45 11.45
C TRP A 48 -28.05 0.42 10.66
N LEU A 49 -27.33 1.29 11.38
CA LEU A 49 -26.22 2.06 10.84
C LEU A 49 -24.91 1.39 11.15
N THR A 50 -23.87 1.83 10.45
CA THR A 50 -22.53 1.21 10.60
C THR A 50 -21.85 1.50 11.94
N ASP A 51 -22.35 2.43 12.75
CA ASP A 51 -21.82 2.65 14.11
C ASP A 51 -22.53 1.83 15.18
N GLY A 52 -23.25 0.77 14.81
CA GLY A 52 -23.99 -0.05 15.76
C GLY A 52 -25.38 0.43 16.14
N ARG A 53 -25.74 1.68 15.87
CA ARG A 53 -27.10 2.14 16.16
C ARG A 53 -28.15 1.42 15.33
N ARG A 54 -29.31 1.32 15.91
CA ARG A 54 -30.38 0.46 15.47
C ARG A 54 -31.69 1.06 15.99
N GLU A 55 -32.69 1.17 15.15
CA GLU A 55 -33.95 1.73 15.61
C GLU A 55 -35.03 1.22 14.74
N THR A 56 -36.22 1.23 15.28
CA THR A 56 -37.38 0.69 14.66
C THR A 56 -38.40 1.76 14.56
N PHE A 57 -39.12 1.82 13.44
CA PHE A 57 -40.31 2.72 13.30
C PHE A 57 -41.50 1.93 12.80
N GLY A 58 -42.68 2.35 13.19
CA GLY A 58 -43.91 1.58 12.92
C GLY A 58 -43.86 0.26 13.67
N ALA A 59 -44.38 -0.80 13.07
CA ALA A 59 -44.46 -2.12 13.69
C ALA A 59 -43.76 -3.18 12.88
N MET A 60 -43.02 -4.05 13.53
CA MET A 60 -42.43 -5.23 12.91
C MET A 60 -43.08 -6.54 13.32
N ASP A 61 -43.28 -7.42 12.35
CA ASP A 61 -43.96 -8.65 12.54
C ASP A 61 -43.20 -9.74 11.79
N SER A 62 -43.80 -10.93 11.74
CA SER A 62 -43.24 -12.08 11.03
C SER A 62 -43.05 -11.90 9.53
N SER A 63 -43.79 -11.00 8.89
CA SER A 63 -43.62 -10.74 7.46
C SER A 63 -42.23 -10.22 7.07
N ALA A 64 -41.40 -9.81 8.04
CA ALA A 64 -40.24 -8.96 7.79
C ALA A 64 -39.21 -9.59 6.87
N LYS A 65 -38.70 -8.79 5.97
CA LYS A 65 -37.66 -9.17 5.04
C LYS A 65 -36.57 -8.14 5.16
N GLU A 66 -35.33 -8.60 5.16
CA GLU A 66 -34.18 -7.75 5.39
C GLU A 66 -33.14 -7.77 4.25
N PHE A 67 -32.28 -6.75 4.25
CA PHE A 67 -31.15 -6.61 3.30
C PHE A 67 -30.00 -6.03 4.07
N GLU A 68 -28.86 -6.70 4.07
CA GLU A 68 -27.62 -6.18 4.63
C GLU A 68 -26.58 -5.84 3.53
N PHE A 69 -26.10 -4.59 3.52
CA PHE A 69 -25.11 -4.12 2.55
C PHE A 69 -23.76 -4.75 2.82
N GLU A 70 -23.07 -5.20 1.77
CA GLU A 70 -21.63 -5.57 1.87
C GLU A 70 -20.80 -4.29 1.96
N SER A 71 -19.61 -4.37 2.54
CA SER A 71 -18.62 -3.31 2.47
C SER A 71 -18.41 -2.82 1.03
N GLY A 72 -18.50 -1.50 0.83
CA GLY A 72 -18.25 -0.93 -0.50
C GLY A 72 -19.44 -1.01 -1.44
N GLU A 73 -20.57 -1.54 -0.96
CA GLU A 73 -21.78 -1.58 -1.74
C GLU A 73 -22.65 -0.34 -1.45
N PHE A 74 -23.14 0.31 -2.50
CA PHE A 74 -23.96 1.48 -2.37
C PHE A 74 -25.21 1.27 -3.19
N ILE A 75 -26.09 2.27 -3.19
CA ILE A 75 -27.37 2.16 -3.88
C ILE A 75 -27.28 2.88 -5.21
N LYS A 76 -27.70 2.17 -6.26
CA LYS A 76 -27.64 2.60 -7.65
C LYS A 76 -28.95 3.29 -8.01
N SER A 77 -30.05 2.68 -7.59
CA SER A 77 -31.39 3.24 -7.81
C SER A 77 -32.32 2.91 -6.65
N LEU A 78 -33.32 3.76 -6.50
CA LEU A 78 -34.30 3.60 -5.46
C LEU A 78 -35.61 4.13 -5.97
N SER A 79 -36.66 3.36 -5.75
CA SER A 79 -38.03 3.85 -5.91
C SER A 79 -38.82 3.64 -4.62
N LEU A 80 -39.78 4.53 -4.39
CA LEU A 80 -40.73 4.44 -3.33
C LEU A 80 -42.11 4.62 -3.94
N TRP A 81 -43.10 3.93 -3.39
CA TRP A 81 -44.50 4.12 -3.81
C TRP A 81 -45.28 4.48 -2.59
N GLY A 82 -46.23 5.39 -2.78
CA GLY A 82 -47.38 5.55 -1.89
C GLY A 82 -48.26 4.31 -1.93
N ASN A 83 -49.29 4.29 -1.10
CA ASN A 83 -50.28 3.22 -1.11
C ASN A 83 -51.43 3.44 -2.12
N GLY A 84 -51.44 4.56 -2.83
CA GLY A 84 -52.49 4.71 -3.87
C GLY A 84 -53.82 5.27 -3.36
N ALA A 85 -54.10 5.11 -2.06
CA ALA A 85 -54.84 6.17 -1.36
C ALA A 85 -53.92 7.36 -1.06
N GLY A 86 -52.60 7.14 -1.04
CA GLY A 86 -51.62 8.18 -0.66
C GLY A 86 -51.70 8.53 0.82
N THR A 87 -52.06 7.53 1.63
CA THR A 87 -52.17 7.69 3.07
C THR A 87 -50.97 7.06 3.78
N ARG A 88 -50.28 6.14 3.09
CA ARG A 88 -49.17 5.37 3.65
C ARG A 88 -48.10 5.17 2.62
N LEU A 89 -46.88 4.93 3.11
CA LEU A 89 -45.87 4.34 2.29
C LEU A 89 -46.34 2.94 1.91
N GLY A 90 -46.17 2.58 0.65
CA GLY A 90 -46.67 1.34 0.10
C GLY A 90 -45.63 0.34 -0.33
N ALA A 91 -44.47 0.83 -0.77
CA ALA A 91 -43.44 -0.09 -1.19
C ALA A 91 -42.07 0.58 -1.28
N ILE A 92 -41.03 -0.20 -1.09
CA ILE A 92 -39.68 0.32 -1.19
C ILE A 92 -38.98 -0.59 -2.17
N LYS A 93 -38.29 -0.02 -3.16
CA LYS A 93 -37.43 -0.83 -4.04
C LYS A 93 -36.08 -0.15 -4.27
N PHE A 94 -35.02 -0.93 -4.17
CA PHE A 94 -33.73 -0.46 -4.51
C PHE A 94 -32.90 -1.56 -5.13
N ILE A 95 -31.93 -1.12 -5.97
CA ILE A 95 -30.91 -1.99 -6.59
C ILE A 95 -29.54 -1.40 -6.28
N THR A 96 -28.60 -2.26 -5.89
CA THR A 96 -27.31 -1.82 -5.42
C THR A 96 -26.29 -1.72 -6.53
N SER A 97 -25.13 -1.17 -6.16
CA SER A 97 -23.97 -1.07 -7.03
C SER A 97 -23.46 -2.45 -7.51
N ARG A 98 -23.80 -3.53 -6.80
CA ARG A 98 -23.48 -4.89 -7.20
C ARG A 98 -24.68 -5.63 -7.74
N SER A 99 -25.71 -4.91 -8.15
CA SER A 99 -26.87 -5.48 -8.80
C SER A 99 -27.74 -6.40 -7.92
N ARG A 100 -27.53 -6.42 -6.61
CA ARG A 100 -28.48 -7.10 -5.70
C ARG A 100 -29.71 -6.20 -5.60
N GLU A 101 -30.87 -6.80 -5.48
CA GLU A 101 -32.14 -6.08 -5.46
C GLU A 101 -32.85 -6.34 -4.13
N PHE A 102 -33.64 -5.38 -3.68
CA PHE A 102 -34.50 -5.51 -2.50
C PHE A 102 -35.77 -4.85 -2.87
N PHE A 103 -36.87 -5.58 -2.68
CA PHE A 103 -38.21 -5.09 -2.93
C PHE A 103 -39.13 -5.54 -1.79
N ALA A 104 -39.91 -4.62 -1.26
CA ALA A 104 -40.90 -4.93 -0.26
C ALA A 104 -42.09 -4.03 -0.51
N LYS A 105 -43.27 -4.63 -0.67
CA LYS A 105 -44.50 -3.89 -0.91
C LYS A 105 -45.62 -4.46 -0.08
N MET A 106 -46.61 -3.61 0.19
CA MET A 106 -47.97 -4.03 0.39
C MET A 106 -48.29 -5.34 -0.26
N THR A 107 -49.24 -6.05 0.32
CA THR A 107 -49.61 -7.34 -0.24
C THR A 107 -50.84 -7.22 -1.15
N ASP A 108 -51.81 -6.37 -0.85
CA ASP A 108 -53.01 -6.21 -1.69
C ASP A 108 -52.75 -5.16 -2.74
N TRP A 109 -53.83 -4.54 -3.21
CA TRP A 109 -53.85 -3.13 -3.62
C TRP A 109 -53.01 -2.97 -4.90
N GLY A 110 -53.18 -1.82 -5.52
CA GLY A 110 -52.42 -1.46 -6.67
C GLY A 110 -51.41 -0.43 -6.20
N LEU A 111 -50.15 -0.72 -6.51
CA LEU A 111 -49.11 0.31 -6.45
C LEU A 111 -49.43 1.21 -7.64
N LYS A 112 -49.48 2.52 -7.40
CA LYS A 112 -49.83 3.46 -8.45
C LYS A 112 -48.51 4.08 -8.98
N THR A 113 -48.22 5.34 -8.62
CA THR A 113 -47.12 6.06 -9.21
C THR A 113 -45.82 5.68 -8.46
N GLU A 114 -44.90 5.06 -9.19
CA GLU A 114 -43.53 4.81 -8.74
C GLU A 114 -42.78 6.16 -8.73
N TYR A 115 -42.29 6.60 -7.57
CA TYR A 115 -41.42 7.77 -7.52
C TYR A 115 -40.00 7.27 -7.54
N LYS A 116 -39.30 7.62 -8.62
CA LYS A 116 -37.94 7.21 -8.82
C LYS A 116 -37.12 8.29 -8.13
N ILE A 117 -36.23 7.87 -7.23
CA ILE A 117 -35.60 8.77 -6.30
C ILE A 117 -34.15 9.09 -6.76
N ASP A 118 -33.79 10.36 -6.63
CA ASP A 118 -32.41 10.80 -6.80
C ASP A 118 -31.60 10.33 -5.60
N VAL A 119 -30.77 9.34 -5.80
CA VAL A 119 -29.99 8.81 -4.69
C VAL A 119 -28.65 9.51 -4.44
N GLY A 120 -28.39 10.64 -5.11
CA GLY A 120 -27.13 11.38 -4.95
C GLY A 120 -25.93 10.52 -5.22
N SER A 121 -25.07 10.38 -4.23
CA SER A 121 -23.94 9.47 -4.31
C SER A 121 -24.31 8.00 -4.13
N GLY A 122 -25.56 7.68 -3.77
CA GLY A 122 -25.93 6.35 -3.42
C GLY A 122 -25.49 5.91 -2.01
N ILE A 123 -24.78 6.75 -1.27
CA ILE A 123 -24.36 6.45 0.10
C ILE A 123 -25.47 7.00 1.03
N CYS A 124 -26.19 6.11 1.70
CA CYS A 124 -27.35 6.42 2.54
C CYS A 124 -26.91 6.63 4.00
N LEU A 125 -27.32 7.76 4.59
CA LEU A 125 -27.10 8.07 6.02
C LEU A 125 -28.23 7.57 6.94
N GLY A 126 -29.34 7.07 6.40
CA GLY A 126 -30.48 6.66 7.21
C GLY A 126 -31.81 7.02 6.59
N VAL A 127 -32.79 7.25 7.45
CA VAL A 127 -34.17 7.46 7.03
C VAL A 127 -34.84 8.57 7.84
N GLN A 128 -35.93 9.07 7.28
CA GLN A 128 -36.66 10.14 7.88
C GLN A 128 -38.10 10.14 7.37
N GLY A 129 -39.05 10.37 8.25
CA GLY A 129 -40.46 10.32 7.86
C GLY A 129 -41.41 10.48 9.01
N ARG A 130 -42.57 9.82 8.91
CA ARG A 130 -43.57 9.85 9.97
C ARG A 130 -44.15 8.47 10.15
N GLY A 131 -44.35 8.09 11.41
CA GLY A 131 -44.89 6.79 11.76
C GLY A 131 -45.76 6.84 13.01
N GLY A 132 -46.72 5.92 13.07
CA GLY A 132 -47.59 5.64 14.21
C GLY A 132 -47.65 4.11 14.24
N SER A 133 -48.81 3.55 14.03
CA SER A 133 -48.92 2.12 13.86
C SER A 133 -48.11 1.65 12.67
N ASP A 134 -48.18 2.41 11.56
CA ASP A 134 -47.53 2.07 10.26
C ASP A 134 -46.47 3.11 9.90
N ILE A 135 -45.82 2.92 8.74
CA ILE A 135 -45.00 3.96 8.18
C ILE A 135 -45.90 4.80 7.30
N ASP A 136 -46.38 5.91 7.85
CA ASP A 136 -47.17 6.90 7.10
C ASP A 136 -46.39 7.46 5.90
N SER A 137 -45.13 7.84 6.14
CA SER A 137 -44.27 8.40 5.10
C SER A 137 -42.83 8.17 5.47
N MET A 138 -41.99 8.02 4.45
CA MET A 138 -40.55 7.86 4.63
CA MET A 138 -40.55 7.91 4.64
C MET A 138 -39.74 8.21 3.37
N GLY A 139 -38.49 8.60 3.59
CA GLY A 139 -37.50 8.65 2.56
C GLY A 139 -36.15 8.22 3.11
N PHE A 140 -35.20 8.04 2.22
CA PHE A 140 -33.85 7.67 2.55
C PHE A 140 -33.00 8.93 2.41
N ILE A 141 -32.13 9.19 3.39
CA ILE A 141 -31.22 10.34 3.37
C ILE A 141 -29.94 9.94 2.66
N PHE A 142 -29.62 10.61 1.55
CA PHE A 142 -28.39 10.33 0.83
C PHE A 142 -27.42 11.53 0.86
N ILE A 143 -26.12 11.26 0.93
CA ILE A 143 -25.10 12.26 0.64
C ILE A 143 -25.17 12.49 -0.88
N ASN A 144 -25.29 13.76 -1.28
CA ASN A 144 -25.18 14.08 -2.70
C ASN A 144 -23.85 13.65 -3.22
N ALA A 145 -23.76 13.58 -4.55
CA ALA A 145 -22.53 13.13 -5.23
C ALA A 145 -21.31 13.78 -4.61
N ILE A 146 -20.30 12.95 -4.39
CA ILE A 146 -19.11 13.26 -3.62
C ILE A 146 -17.90 13.62 -4.53
N LYS A 147 -17.23 14.71 -4.22
CA LYS A 147 -16.02 15.11 -4.91
C LYS A 147 -14.79 14.64 -4.18
N SER A 148 -14.79 14.75 -2.85
CA SER A 148 -13.67 14.25 -2.06
C SER A 148 -14.05 13.94 -0.63
N SER A 149 -13.19 13.18 0.01
CA SER A 149 -13.39 12.71 1.38
CA SER A 149 -13.39 12.75 1.38
C SER A 149 -12.03 12.72 2.04
N VAL A 150 -11.76 13.76 2.85
CA VAL A 150 -10.42 14.08 3.34
C VAL A 150 -10.45 14.27 4.85
N ILE A 151 -9.53 13.58 5.53
CA ILE A 151 -9.35 13.67 6.97
C ILE A 151 -8.29 14.73 7.23
N GLN A 152 -8.62 15.74 8.03
CA GLN A 152 -7.73 16.90 8.25
C GLN A 152 -7.87 17.44 9.68
N ASP A 153 -7.19 18.54 9.98
CA ASP A 153 -7.02 19.08 11.36
C ASP A 153 -6.62 17.97 12.29
N MET A 154 -5.60 17.24 11.87
CA MET A 154 -5.09 16.08 12.58
C MET A 154 -4.35 16.60 13.81
N LYS A 155 -4.64 16.00 14.95
CA LYS A 155 -3.98 16.36 16.21
C LYS A 155 -3.66 15.08 16.97
N TYR A 156 -2.57 15.11 17.73
CA TYR A 156 -2.17 14.02 18.64
C TYR A 156 -2.10 14.65 20.07
N PRO A 157 -3.20 14.62 20.84
CA PRO A 157 -3.24 15.41 22.08
C PRO A 157 -2.31 14.92 23.21
N THR A 158 -2.10 13.60 23.35
CA THR A 158 -1.15 13.08 24.34
C THR A 158 0.32 13.03 23.87
N MET A 159 0.68 13.77 22.81
CA MET A 159 2.03 13.57 22.19
C MET A 159 3.16 14.16 23.03
N HIS A 160 2.95 15.39 23.50
CA HIS A 160 3.91 16.05 24.38
C HIS A 160 4.18 15.31 25.72
N GLN A 161 3.30 14.39 26.14
CA GLN A 161 3.37 13.69 27.43
C GLN A 161 3.92 12.28 27.39
N ILE A 162 4.20 11.72 26.20
CA ILE A 162 4.82 10.38 26.20
C ILE A 162 6.15 10.45 25.46
N LEU A 163 7.15 9.74 26.01
CA LEU A 163 8.50 9.75 25.47
C LEU A 163 8.68 8.58 24.49
N PRO A 164 9.35 8.84 23.36
CA PRO A 164 9.65 7.75 22.44
C PRO A 164 10.49 6.62 23.06
N ASN A 165 10.27 5.41 22.56
CA ASN A 165 11.05 4.25 22.88
C ASN A 165 11.85 3.89 21.61
N VAL A 166 13.06 4.42 21.52
CA VAL A 166 13.94 4.21 20.37
C VAL A 166 14.87 3.03 20.64
N GLN A 167 14.51 1.85 20.14
CA GLN A 167 15.40 0.68 20.14
C GLN A 167 16.52 0.82 19.08
N MET A 168 17.78 0.64 19.48
CA MET A 168 18.92 0.75 18.55
C MET A 168 19.21 -0.62 17.91
N GLU A 169 19.56 -0.63 16.62
CA GLU A 169 19.95 -1.85 15.89
C GLU A 169 21.33 -1.57 15.29
N GLU A 170 22.18 -2.58 15.25
CA GLU A 170 23.46 -2.49 14.54
C GLU A 170 23.26 -2.87 13.07
N ILE A 171 23.99 -2.21 12.19
CA ILE A 171 23.89 -2.47 10.75
C ILE A 171 25.17 -3.04 10.16
N LYS A 172 26.31 -2.51 10.58
CA LYS A 172 27.58 -2.87 9.99
C LYS A 172 28.68 -2.63 11.00
N GLU A 173 29.61 -3.58 11.09
CA GLU A 173 30.84 -3.42 11.90
C GLU A 173 32.03 -3.65 10.99
N MET A 174 33.02 -2.79 11.17
CA MET A 174 34.30 -2.89 10.50
C MET A 174 35.42 -2.46 11.46
N GLU A 175 36.61 -3.00 11.22
CA GLU A 175 37.79 -2.73 12.06
C GLU A 175 38.88 -2.15 11.17
N TYR A 176 39.49 -1.06 11.62
CA TYR A 176 40.61 -0.44 10.91
C TYR A 176 41.85 -0.52 11.81
N LYS A 177 42.77 -1.44 11.45
CA LYS A 177 44.02 -1.68 12.18
C LYS A 177 45.12 -0.94 11.45
N ASN A 178 45.83 -0.08 12.17
CA ASN A 178 46.96 0.64 11.62
C ASN A 178 48.26 0.19 12.29
N ASP A 179 48.95 -0.74 11.62
CA ASP A 179 50.24 -1.24 12.08
C ASP A 179 51.42 -0.40 11.56
N THR A 180 51.15 0.76 10.95
CA THR A 180 52.19 1.64 10.43
C THR A 180 52.58 2.74 11.44
N SER A 181 53.62 3.47 11.07
CA SER A 181 54.30 4.44 11.94
C SER A 181 53.69 5.82 11.83
N ILE A 182 52.72 6.00 10.92
CA ILE A 182 52.04 7.30 10.77
C ILE A 182 50.51 7.08 10.82
N VAL A 183 49.77 8.13 11.16
CA VAL A 183 48.31 8.14 11.13
C VAL A 183 47.73 7.74 9.75
N GLN A 184 46.66 6.95 9.74
CA GLN A 184 45.98 6.54 8.50
C GLN A 184 44.52 6.97 8.51
N SER A 185 43.98 7.23 7.33
CA SER A 185 42.62 7.66 7.17
C SER A 185 41.87 6.74 6.21
N TYR A 186 40.64 6.34 6.57
CA TYR A 186 39.79 5.49 5.72
C TYR A 186 38.37 6.09 5.55
N THR A 187 37.65 5.64 4.51
CA THR A 187 36.24 5.95 4.34
C THR A 187 35.41 4.73 4.78
N PHE A 188 34.51 4.94 5.71
CA PHE A 188 33.48 3.97 6.09
C PHE A 188 32.14 4.40 5.53
N GLU A 189 31.42 3.43 4.95
CA GLU A 189 30.14 3.67 4.31
C GLU A 189 29.23 2.60 4.83
N SER A 190 27.95 2.93 5.05
CA SER A 190 26.96 1.89 5.33
C SER A 190 25.61 2.28 4.71
N SER A 191 24.74 1.29 4.50
CA SER A 191 23.39 1.51 4.00
C SER A 191 22.45 0.48 4.58
N LYS A 192 21.18 0.87 4.69
CA LYS A 192 20.14 0.01 5.19
C LYS A 192 18.77 0.33 4.57
N LYS A 193 18.09 -0.71 4.15
CA LYS A 193 16.73 -0.64 3.70
C LYS A 193 15.88 -0.56 4.95
N ILE A 194 14.99 0.43 5.01
CA ILE A 194 13.98 0.57 6.06
C ILE A 194 12.57 0.69 5.48
N ILE A 195 11.58 0.16 6.18
CA ILE A 195 10.17 0.35 5.81
C ILE A 195 9.50 1.20 6.89
N LYS A 196 9.16 2.45 6.57
CA LYS A 196 8.33 3.32 7.43
C LYS A 196 6.85 2.98 7.20
N LYS A 197 6.04 3.02 8.27
CA LYS A 197 4.60 2.75 8.20
C LYS A 197 3.82 3.80 9.01
N SER A 198 2.66 4.18 8.49
CA SER A 198 1.66 5.00 9.18
C SER A 198 0.29 4.34 9.06
N SER A 199 -0.53 4.53 10.08
CA SER A 199 -1.82 3.89 10.15
C SER A 199 -2.71 4.66 11.09
N TRP A 200 -3.76 5.27 10.54
CA TRP A 200 -4.81 5.89 11.33
C TRP A 200 -6.02 4.97 11.37
N SER A 201 -6.42 4.54 12.55
CA SER A 201 -7.58 3.67 12.67
C SER A 201 -8.84 4.43 12.25
N THR A 202 -9.80 3.68 11.70
CA THR A 202 -11.07 4.24 11.26
C THR A 202 -12.15 3.32 11.75
N THR A 203 -13.37 3.80 11.89
CA THR A 203 -14.52 2.92 12.20
C THR A 203 -15.70 3.28 11.35
N ASN A 204 -16.78 2.52 11.55
CA ASN A 204 -18.09 2.77 10.98
C ASN A 204 -18.01 2.60 9.45
N LYS A 205 -17.01 1.80 9.02
CA LYS A 205 -16.74 1.50 7.65
C LYS A 205 -16.40 2.69 6.74
N ILE A 206 -16.00 3.81 7.31
CA ILE A 206 -15.71 4.95 6.47
C ILE A 206 -14.61 4.70 5.45
N GLU A 207 -13.63 3.86 5.81
CA GLU A 207 -12.57 3.43 4.90
C GLU A 207 -13.03 2.64 3.67
N SER A 208 -14.12 1.88 3.79
CA SER A 208 -14.63 1.16 2.62
C SER A 208 -15.78 1.91 1.88
N THR A 209 -16.49 2.79 2.57
CA THR A 209 -17.51 3.60 1.92
C THR A 209 -16.97 4.80 1.11
N PHE A 210 -15.93 5.45 1.62
CA PHE A 210 -15.34 6.66 1.04
C PHE A 210 -13.92 6.34 0.66
N SER A 211 -13.35 7.09 -0.27
CA SER A 211 -11.91 6.96 -0.53
C SER A 211 -11.25 8.04 0.26
N LEU A 212 -10.67 7.61 1.36
CA LEU A 212 -10.15 8.47 2.35
C LEU A 212 -8.77 8.84 1.94
N SER A 213 -8.41 10.09 2.16
CA SER A 213 -7.00 10.49 2.21
C SER A 213 -6.88 11.30 3.48
N VAL A 214 -5.67 11.37 4.02
CA VAL A 214 -5.34 12.14 5.23
C VAL A 214 -4.41 13.27 4.86
N LYS A 215 -4.86 14.50 5.04
CA LYS A 215 -3.99 15.64 4.86
C LYS A 215 -3.43 15.97 6.23
N ALA A 216 -2.16 15.59 6.47
CA ALA A 216 -1.49 15.72 7.79
C ALA A 216 0.00 15.40 7.82
N GLY A 217 0.66 15.88 8.87
CA GLY A 217 1.98 15.37 9.21
C GLY A 217 1.97 14.05 9.97
N ILE A 218 3.09 13.34 9.86
CA ILE A 218 3.36 12.05 10.54
C ILE A 218 4.12 12.30 11.87
N PRO A 219 3.76 11.58 12.94
CA PRO A 219 4.66 11.57 14.10
C PRO A 219 6.03 10.98 13.77
N GLU A 220 7.06 11.72 14.15
CA GLU A 220 8.45 11.37 13.94
C GLU A 220 9.20 11.54 15.24
N VAL A 221 10.43 11.07 15.24
CA VAL A 221 11.30 11.16 16.38
C VAL A 221 12.28 12.30 16.09
N MET A 222 12.66 13.01 17.15
CA MET A 222 13.52 14.19 17.05
C MET A 222 14.50 14.18 18.22
N GLU A 223 15.70 14.70 17.96
CA GLU A 223 16.79 14.62 18.93
C GLU A 223 16.90 15.90 19.75
N VAL A 224 17.17 15.73 21.05
CA VAL A 224 17.54 16.82 21.96
C VAL A 224 18.57 16.29 22.98
N GLU A 225 19.09 17.15 23.85
CA GLU A 225 20.09 16.73 24.86
C GLU A 225 19.48 15.73 25.88
N THR A 226 18.23 15.97 26.28
CA THR A 226 17.49 15.07 27.17
C THR A 226 17.42 13.63 26.56
N GLY A 227 17.28 13.56 25.24
CA GLY A 227 17.30 12.31 24.48
C GLY A 227 16.45 12.41 23.23
N PHE A 228 15.28 11.79 23.27
CA PHE A 228 14.34 11.76 22.14
C PHE A 228 12.97 12.27 22.56
N SER A 229 12.39 13.17 21.76
CA SER A 229 10.94 13.48 21.85
C SER A 229 10.20 13.31 20.49
N PHE A 230 8.89 13.08 20.55
CA PHE A 230 8.05 13.10 19.35
C PHE A 230 7.87 14.52 18.82
N THR A 231 7.74 14.65 17.50
CA THR A 231 7.30 15.90 16.86
C THR A 231 6.48 15.54 15.61
N VAL A 232 5.77 16.51 15.02
CA VAL A 232 4.95 16.27 13.83
C VAL A 232 5.67 16.79 12.60
N GLY A 233 5.86 15.92 11.62
CA GLY A 233 6.60 16.26 10.41
C GLY A 233 5.86 17.19 9.48
N SER A 234 6.50 17.45 8.35
CA SER A 234 5.93 18.28 7.30
C SER A 234 4.60 17.68 6.76
N GLU A 235 3.66 18.56 6.44
CA GLU A 235 2.31 18.16 6.06
C GLU A 235 2.23 17.70 4.61
N SER A 236 1.56 16.58 4.37
CA SER A 236 1.29 16.09 3.00
C SER A 236 0.00 15.25 2.98
N THR A 237 -0.29 14.63 1.83
CA THR A 237 -1.47 13.81 1.64
C THR A 237 -1.08 12.36 1.75
N HIS A 238 -1.85 11.55 2.48
CA HIS A 238 -1.55 10.14 2.71
C HIS A 238 -2.82 9.29 2.58
N ALA A 239 -2.63 8.00 2.43
CA ALA A 239 -3.69 7.05 2.59
C ALA A 239 -3.74 6.81 4.07
N VAL A 240 -4.84 6.18 4.46
CA VAL A 240 -5.13 5.86 5.83
C VAL A 240 -4.10 4.85 6.38
N GLU A 241 -3.57 4.02 5.48
CA GLU A 241 -2.67 2.92 5.82
C GLU A 241 -1.62 3.01 4.72
N GLU A 242 -0.39 3.30 5.12
CA GLU A 242 0.65 3.64 4.18
C GLU A 242 2.01 3.11 4.61
N SER A 243 2.80 2.67 3.65
CA SER A 243 4.19 2.31 3.91
C SER A 243 5.14 3.03 2.92
N GLU A 244 6.33 3.39 3.37
CA GLU A 244 7.32 4.04 2.53
C GLU A 244 8.65 3.32 2.71
N GLU A 245 9.11 2.73 1.62
CA GLU A 245 10.41 2.06 1.56
C GLU A 245 11.47 3.06 1.23
N LYS A 246 12.59 3.01 1.94
CA LYS A 246 13.77 3.76 1.54
C LYS A 246 15.05 3.14 2.02
N THR A 247 16.14 3.68 1.49
CA THR A 247 17.51 3.32 1.84
C THR A 247 18.20 4.45 2.61
N GLU A 248 18.53 4.19 3.88
CA GLU A 248 19.28 5.13 4.74
C GLU A 248 20.77 4.88 4.53
N THR A 249 21.61 5.93 4.56
CA THR A 249 23.04 5.80 4.25
C THR A 249 23.87 6.60 5.23
N LEU A 250 25.14 6.21 5.33
CA LEU A 250 26.08 6.88 6.19
C LEU A 250 27.45 6.80 5.55
N THR A 251 28.14 7.91 5.51
CA THR A 251 29.50 7.94 5.03
C THR A 251 30.24 8.88 5.96
N PHE A 252 31.36 8.43 6.52
CA PHE A 252 32.26 9.36 7.21
C PHE A 252 33.73 8.87 7.23
N PRO A 253 34.69 9.81 7.40
CA PRO A 253 36.11 9.48 7.47
C PRO A 253 36.52 8.93 8.85
N VAL A 254 37.40 7.94 8.85
CA VAL A 254 37.92 7.33 10.05
C VAL A 254 39.41 7.62 10.07
N THR A 255 39.89 8.17 11.19
CA THR A 255 41.27 8.49 11.38
C THR A 255 41.82 7.54 12.45
N VAL A 256 42.90 6.84 12.12
CA VAL A 256 43.44 5.82 13.00
C VAL A 256 44.85 6.21 13.41
N PRO A 257 45.07 6.53 14.69
CA PRO A 257 46.45 6.75 15.15
C PRO A 257 47.40 5.56 14.96
N THR A 258 48.70 5.86 14.94
CA THR A 258 49.73 4.85 14.71
C THR A 258 49.68 3.78 15.78
N HIS A 259 49.74 2.52 15.36
CA HIS A 259 49.70 1.35 16.26
C HIS A 259 48.41 1.26 17.10
N LYS A 260 47.31 1.75 16.53
CA LYS A 260 45.99 1.71 17.14
C LYS A 260 45.02 1.00 16.21
N THR A 261 43.92 0.56 16.80
CA THR A 261 42.80 0.00 16.04
C THR A 261 41.58 0.84 16.32
N VAL A 262 40.83 1.25 15.28
CA VAL A 262 39.46 1.79 15.50
C VAL A 262 38.41 0.89 14.88
N THR A 263 37.43 0.57 15.72
CA THR A 263 36.29 -0.29 15.37
C THR A 263 35.08 0.63 15.24
N VAL A 264 34.39 0.51 14.12
CA VAL A 264 33.30 1.41 13.75
C VAL A 264 32.05 0.57 13.61
N VAL A 265 31.05 0.87 14.41
CA VAL A 265 29.75 0.20 14.30
C VAL A 265 28.73 1.23 13.79
N ALA A 266 28.04 0.90 12.69
CA ALA A 266 26.93 1.70 12.19
C ALA A 266 25.63 1.23 12.82
N ASN A 267 24.85 2.16 13.36
CA ASN A 267 23.57 1.88 13.98
C ASN A 267 22.42 2.70 13.40
N ILE A 268 21.21 2.25 13.69
CA ILE A 268 20.02 3.05 13.41
C ILE A 268 19.05 2.87 14.55
N GLY A 269 18.31 3.93 14.86
CA GLY A 269 17.20 3.89 15.84
C GLY A 269 15.79 3.71 15.22
N ARG A 270 15.02 2.83 15.82
CA ARG A 270 13.71 2.38 15.36
C ARG A 270 12.66 2.65 16.47
N ALA A 271 11.55 3.34 16.16
CA ALA A 271 10.51 3.63 17.15
C ALA A 271 9.14 3.21 16.67
N ASP A 272 8.48 2.35 17.47
CA ASP A 272 7.08 2.04 17.30
C ASP A 272 6.29 3.16 17.97
N ILE A 273 5.30 3.66 17.26
CA ILE A 273 4.45 4.72 17.74
C ILE A 273 3.02 4.19 17.89
N ASP A 274 2.35 4.67 18.93
CA ASP A 274 1.00 4.24 19.38
C ASP A 274 0.45 5.42 20.20
N LEU A 275 -0.23 6.33 19.52
CA LEU A 275 -0.72 7.58 20.07
C LEU A 275 -2.19 7.76 19.71
N PRO A 276 -3.00 8.26 20.66
CA PRO A 276 -4.34 8.73 20.25
C PRO A 276 -4.31 9.87 19.24
N TYR A 277 -5.33 9.93 18.36
CA TYR A 277 -5.49 11.10 17.46
C TYR A 277 -6.93 11.58 17.48
N THR A 278 -7.08 12.86 17.14
CA THR A 278 -8.36 13.42 16.78
C THR A 278 -8.23 14.12 15.43
N ALA A 279 -9.32 14.13 14.67
CA ALA A 279 -9.34 14.87 13.40
C ALA A 279 -10.78 15.11 12.95
N LEU A 280 -10.88 15.79 11.81
CA LEU A 280 -12.14 16.08 11.14
C LEU A 280 -12.22 15.35 9.77
N LEU A 281 -13.24 14.53 9.57
CA LEU A 281 -13.55 14.03 8.23
C LEU A 281 -14.34 15.10 7.55
N ARG A 282 -13.88 15.55 6.40
CA ARG A 282 -14.65 16.49 5.57
C ARG A 282 -15.03 15.86 4.23
N ILE A 283 -16.33 15.78 3.98
CA ILE A 283 -16.86 15.27 2.72
C ILE A 283 -17.35 16.45 1.92
N THR A 284 -16.72 16.69 0.76
CA THR A 284 -17.12 17.77 -0.11
C THR A 284 -17.90 17.19 -1.27
N CYS A 285 -19.08 17.78 -1.52
CA CYS A 285 -19.92 17.33 -2.62
C CYS A 285 -19.58 17.96 -3.96
N VAL A 286 -19.98 17.30 -5.04
CA VAL A 286 -19.85 17.88 -6.39
C VAL A 286 -20.57 19.22 -6.47
N ASN A 287 -21.61 19.40 -5.67
CA ASN A 287 -22.37 20.63 -5.74
C ASN A 287 -21.70 21.75 -4.96
N GLY A 288 -20.63 21.44 -4.25
CA GLY A 288 -19.89 22.43 -3.47
C GLY A 288 -20.22 22.46 -1.97
N ALA A 289 -21.34 21.87 -1.58
CA ALA A 289 -21.64 21.70 -0.16
C ALA A 289 -20.71 20.68 0.49
N SER A 290 -20.77 20.62 1.82
CA SER A 290 -19.89 19.76 2.56
C SER A 290 -20.48 19.31 3.90
N LEU A 291 -19.84 18.32 4.46
CA LEU A 291 -20.35 17.61 5.61
C LEU A 291 -19.12 17.25 6.40
N ASP A 292 -19.11 17.70 7.65
CA ASP A 292 -18.01 17.48 8.58
C ASP A 292 -18.42 16.54 9.68
N ALA A 293 -17.53 15.64 10.05
CA ALA A 293 -17.74 14.72 11.14
C ALA A 293 -16.46 14.66 11.96
N PRO A 294 -16.52 14.93 13.26
CA PRO A 294 -15.32 14.73 14.12
C PRO A 294 -14.87 13.28 14.26
N LEU A 295 -13.56 13.06 14.23
CA LEU A 295 -12.98 11.72 14.30
C LEU A 295 -12.08 11.57 15.50
N SER A 296 -12.06 10.36 16.05
CA SER A 296 -11.12 9.91 17.08
C SER A 296 -10.59 8.51 16.83
N GLY A 297 -9.30 8.30 17.07
CA GLY A 297 -8.75 6.94 17.10
C GLY A 297 -7.31 6.88 17.56
N ILE A 298 -6.65 5.76 17.25
CA ILE A 298 -5.22 5.59 17.46
C ILE A 298 -4.42 5.65 16.15
N TYR A 299 -3.33 6.41 16.19
CA TYR A 299 -2.28 6.40 15.18
C TYR A 299 -1.24 5.35 15.56
N LYS A 300 -1.01 4.37 14.69
CA LYS A 300 0.14 3.45 14.79
C LYS A 300 1.18 3.83 13.76
N GLY A 301 2.45 3.67 14.10
CA GLY A 301 3.52 4.02 13.20
C GLY A 301 4.80 3.28 13.47
N LEU A 302 5.68 3.31 12.47
CA LEU A 302 7.03 2.82 12.57
C LEU A 302 7.89 3.88 11.91
N THR A 303 8.86 4.40 12.65
CA THR A 303 9.75 5.38 12.08
C THR A 303 11.19 5.01 12.42
N TYR A 304 12.12 5.72 11.78
CA TYR A 304 13.53 5.49 12.01
C TYR A 304 14.24 6.84 12.14
N THR A 305 15.30 6.84 12.96
CA THR A 305 16.19 7.98 13.09
C THR A 305 17.12 7.90 11.91
N LYS A 306 17.97 8.90 11.72
CA LYS A 306 19.05 8.75 10.75
C LYS A 306 20.13 7.77 11.31
N MET A 307 20.91 7.17 10.41
CA MET A 307 22.03 6.28 10.75
C MET A 307 23.12 7.07 11.49
N THR A 308 23.75 6.43 12.48
CA THR A 308 24.88 7.00 13.23
C THR A 308 25.97 5.95 13.43
N ALA A 309 27.13 6.38 13.90
CA ALA A 309 28.23 5.43 14.08
C ALA A 309 29.04 5.72 15.35
N VAL A 310 29.33 4.66 16.10
CA VAL A 310 30.26 4.67 17.24
C VAL A 310 31.61 4.18 16.71
N ALA A 311 32.65 5.02 16.85
CA ALA A 311 34.02 4.62 16.48
C ALA A 311 34.83 4.46 17.77
N THR A 312 35.27 3.25 18.10
CA THR A 312 35.97 3.04 19.37
C THR A 312 37.48 2.76 19.14
N GLU A 313 38.34 3.62 19.73
CA GLU A 313 39.80 3.37 19.75
C GLU A 313 40.24 2.31 20.80
N SER A 314 40.90 1.25 20.33
CA SER A 314 41.52 0.23 21.18
C SER A 314 42.78 0.78 21.86
N HIS B 1 41.03 9.11 -9.83
CA HIS B 1 40.39 8.37 -8.68
C HIS B 1 39.10 7.59 -9.09
N MET B 2 39.23 6.29 -9.29
CA MET B 2 38.12 5.47 -9.72
C MET B 2 37.32 4.95 -8.52
N VAL B 3 36.00 4.78 -8.70
CA VAL B 3 35.14 4.12 -7.69
C VAL B 3 34.36 3.00 -8.34
N TYR B 4 33.97 2.02 -7.52
CA TYR B 4 33.40 0.75 -8.02
C TYR B 4 32.13 0.40 -7.27
N PRO B 5 31.18 -0.26 -7.96
CA PRO B 5 29.91 -0.67 -7.34
C PRO B 5 30.00 -1.87 -6.46
N THR B 6 31.09 -2.63 -6.52
CA THR B 6 31.24 -3.84 -5.73
C THR B 6 32.61 -3.91 -5.12
N THR B 7 32.73 -4.71 -4.08
CA THR B 7 34.01 -4.92 -3.41
C THR B 7 34.25 -6.38 -3.10
N LEU B 8 35.50 -6.79 -3.33
CA LEU B 8 35.96 -8.19 -3.23
C LEU B 8 37.38 -8.26 -2.69
N HIS B 9 37.52 -8.85 -1.50
CA HIS B 9 38.79 -9.07 -0.82
C HIS B 9 38.98 -10.59 -0.65
N ILE B 10 39.85 -11.17 -1.48
CA ILE B 10 40.06 -12.63 -1.52
C ILE B 10 41.17 -13.04 -0.53
N ILE B 11 40.97 -14.15 0.18
CA ILE B 11 41.93 -14.65 1.18
C ILE B 11 42.32 -16.13 0.95
N GLY B 12 43.60 -16.43 1.20
CA GLY B 12 44.16 -17.78 1.12
C GLY B 12 45.44 -17.88 0.30
N GLY B 13 45.64 -19.00 -0.39
CA GLY B 13 46.85 -19.23 -1.20
C GLY B 13 46.75 -18.88 -2.68
N GLN B 14 47.86 -19.16 -3.39
CA GLN B 14 47.97 -18.89 -4.83
C GLN B 14 47.55 -20.11 -5.68
N GLY B 15 47.29 -21.25 -5.05
CA GLY B 15 46.95 -22.48 -5.77
C GLY B 15 45.59 -22.50 -6.44
N GLY B 16 45.28 -23.60 -7.12
CA GLY B 16 43.94 -23.89 -7.65
C GLY B 16 43.54 -23.24 -8.97
N ASN B 17 42.35 -23.62 -9.42
CA ASN B 17 41.71 -23.06 -10.62
C ASN B 17 40.61 -22.05 -10.29
N ALA B 18 40.75 -20.86 -10.88
CA ALA B 18 39.77 -19.76 -10.80
C ALA B 18 38.31 -20.24 -10.87
N PHE B 19 37.50 -19.71 -9.95
CA PHE B 19 36.05 -19.85 -10.00
C PHE B 19 35.41 -18.51 -9.63
N SER B 20 34.21 -18.29 -10.17
CA SER B 20 33.47 -17.06 -9.98
C SER B 20 31.98 -17.38 -10.10
N PHE B 21 31.26 -17.16 -9.00
CA PHE B 21 29.85 -17.40 -8.92
C PHE B 21 29.18 -16.08 -8.56
N ASN B 22 28.90 -15.27 -9.59
CA ASN B 22 28.49 -13.90 -9.41
C ASN B 22 27.08 -13.63 -9.99
N GLY B 23 26.15 -13.16 -9.15
CA GLY B 23 24.78 -12.77 -9.59
C GLY B 23 24.63 -11.32 -10.04
N GLN B 24 25.75 -10.64 -10.30
CA GLN B 24 25.76 -9.24 -10.70
C GLN B 24 24.84 -8.93 -11.90
N GLU B 25 24.96 -9.66 -13.01
CA GLU B 25 24.26 -9.27 -14.24
C GLU B 25 22.71 -9.34 -14.16
N ASN B 26 22.15 -10.06 -13.17
CA ASN B 26 20.71 -10.01 -12.91
C ASN B 26 20.30 -9.65 -11.46
N ALA B 27 21.19 -8.97 -10.75
CA ALA B 27 21.02 -8.65 -9.32
C ALA B 27 20.60 -9.81 -8.39
N ALA B 28 21.04 -11.02 -8.73
CA ALA B 28 20.81 -12.18 -7.89
C ALA B 28 21.84 -12.12 -6.80
N THR B 29 21.43 -12.53 -5.61
CA THR B 29 22.25 -12.41 -4.43
C THR B 29 22.32 -13.75 -3.67
N LEU B 30 23.22 -13.79 -2.69
CA LEU B 30 23.50 -15.02 -1.96
C LEU B 30 22.30 -15.42 -1.12
N GLN B 31 21.78 -16.62 -1.35
CA GLN B 31 20.66 -17.14 -0.57
C GLN B 31 21.14 -18.14 0.46
N LYS B 32 22.09 -18.98 0.09
CA LYS B 32 22.53 -20.05 0.97
C LYS B 32 23.97 -20.47 0.68
N LEU B 33 24.66 -20.81 1.76
CA LEU B 33 26.05 -21.23 1.77
C LEU B 33 26.12 -22.57 2.52
N SER B 34 26.96 -23.47 2.03
CA SER B 34 27.26 -24.71 2.74
C SER B 34 28.75 -24.91 2.65
N VAL B 35 29.37 -25.17 3.79
CA VAL B 35 30.82 -25.19 3.90
C VAL B 35 31.27 -26.53 4.51
N SER B 36 32.21 -27.18 3.83
CA SER B 36 32.83 -28.42 4.27
C SER B 36 34.26 -28.13 4.76
N VAL B 37 34.60 -28.70 5.90
CA VAL B 37 35.86 -28.38 6.58
C VAL B 37 36.75 -29.62 6.70
N GLY B 38 38.00 -29.44 6.30
CA GLY B 38 39.04 -30.46 6.47
C GLY B 38 39.86 -30.17 7.71
N GLY B 39 40.96 -30.90 7.84
CA GLY B 39 41.90 -30.68 8.93
C GLY B 39 42.60 -29.33 8.86
N TRP B 40 43.16 -28.99 7.70
CA TRP B 40 44.05 -27.82 7.56
C TRP B 40 43.49 -26.80 6.54
N GLN B 41 42.22 -26.98 6.16
CA GLN B 41 41.60 -26.16 5.11
C GLN B 41 40.08 -26.08 5.18
N VAL B 42 39.52 -25.17 4.38
CA VAL B 42 38.17 -25.32 3.88
C VAL B 42 38.29 -26.27 2.66
N ARG B 43 37.49 -27.32 2.65
CA ARG B 43 37.56 -28.32 1.59
C ARG B 43 36.68 -27.92 0.42
N GLY B 44 35.42 -27.57 0.73
CA GLY B 44 34.44 -27.20 -0.29
C GLY B 44 33.40 -26.19 0.17
N VAL B 45 32.88 -25.46 -0.81
CA VAL B 45 31.73 -24.60 -0.60
C VAL B 45 30.68 -24.95 -1.64
N GLN B 46 29.44 -25.08 -1.19
CA GLN B 46 28.25 -25.01 -2.08
C GLN B 46 27.48 -23.68 -1.86
N VAL B 47 27.15 -23.02 -2.97
CA VAL B 47 26.59 -21.66 -2.93
C VAL B 47 25.33 -21.58 -3.79
N TRP B 48 24.24 -21.08 -3.19
CA TRP B 48 22.99 -20.86 -3.91
C TRP B 48 22.72 -19.34 -4.04
N LEU B 49 22.27 -18.91 -5.20
CA LEU B 49 21.79 -17.52 -5.40
C LEU B 49 20.27 -17.46 -5.51
N THR B 50 19.73 -16.25 -5.37
CA THR B 50 18.28 -16.05 -5.33
C THR B 50 17.49 -16.38 -6.62
N ASP B 51 18.20 -16.46 -7.75
CA ASP B 51 17.63 -16.86 -9.06
C ASP B 51 17.67 -18.38 -9.29
N GLY B 52 17.93 -19.15 -8.25
CA GLY B 52 17.94 -20.60 -8.33
C GLY B 52 19.28 -21.25 -8.65
N ARG B 53 20.28 -20.49 -9.11
CA ARG B 53 21.56 -21.06 -9.44
C ARG B 53 22.21 -21.67 -8.19
N ARG B 54 22.94 -22.76 -8.40
CA ARG B 54 23.46 -23.61 -7.32
C ARG B 54 24.74 -24.16 -7.90
N GLU B 55 25.86 -23.92 -7.23
CA GLU B 55 27.15 -24.44 -7.66
C GLU B 55 28.07 -24.87 -6.48
N THR B 56 28.92 -25.87 -6.76
CA THR B 56 29.84 -26.42 -5.77
C THR B 56 31.30 -26.15 -6.21
N PHE B 57 32.16 -25.73 -5.28
CA PHE B 57 33.62 -25.56 -5.55
C PHE B 57 34.44 -26.31 -4.51
N GLY B 58 35.62 -26.83 -4.89
CA GLY B 58 36.36 -27.75 -4.03
C GLY B 58 35.56 -29.06 -3.95
N ALA B 59 35.52 -29.70 -2.78
CA ALA B 59 34.73 -30.91 -2.62
C ALA B 59 33.98 -30.91 -1.29
N MET B 60 32.79 -31.50 -1.30
CA MET B 60 31.87 -31.49 -0.18
C MET B 60 31.74 -32.91 0.38
N ASP B 61 32.28 -33.09 1.59
CA ASP B 61 32.05 -34.26 2.44
C ASP B 61 30.83 -33.98 3.36
N SER B 62 30.57 -34.86 4.33
CA SER B 62 29.44 -34.66 5.27
C SER B 62 29.83 -34.06 6.66
N SER B 63 30.96 -33.36 6.75
CA SER B 63 31.13 -32.33 7.79
C SER B 63 30.41 -30.98 7.44
N ALA B 64 29.54 -30.98 6.41
CA ALA B 64 28.95 -29.78 5.80
C ALA B 64 28.02 -29.04 6.75
N LYS B 65 28.33 -27.77 6.99
CA LYS B 65 27.51 -26.90 7.83
C LYS B 65 26.87 -25.83 6.90
N GLU B 66 25.58 -25.57 7.06
CA GLU B 66 24.81 -24.70 6.16
C GLU B 66 24.31 -23.44 6.85
N PHE B 67 23.99 -22.43 6.04
CA PHE B 67 23.25 -21.26 6.50
C PHE B 67 22.39 -20.72 5.36
N GLU B 68 21.08 -20.64 5.57
CA GLU B 68 20.16 -20.03 4.62
C GLU B 68 19.71 -18.67 5.15
N PHE B 69 19.87 -17.64 4.32
CA PHE B 69 19.44 -16.27 4.66
C PHE B 69 17.92 -16.14 4.60
N GLU B 70 17.35 -15.44 5.57
CA GLU B 70 15.96 -15.02 5.46
C GLU B 70 15.85 -13.88 4.44
N SER B 71 14.64 -13.71 3.91
CA SER B 71 14.26 -12.58 3.08
C SER B 71 14.49 -11.28 3.84
N GLY B 72 15.34 -10.41 3.29
CA GLY B 72 15.64 -9.11 3.94
C GLY B 72 16.72 -9.12 5.01
N GLU B 73 17.35 -10.27 5.21
CA GLU B 73 18.47 -10.39 6.14
C GLU B 73 19.75 -10.21 5.32
N PHE B 74 20.66 -9.36 5.79
CA PHE B 74 21.92 -9.15 5.09
C PHE B 74 23.07 -9.37 6.03
N ILE B 75 24.31 -9.22 5.53
CA ILE B 75 25.51 -9.46 6.35
C ILE B 75 25.97 -8.17 7.03
N LYS B 76 26.09 -8.25 8.36
CA LYS B 76 26.59 -7.16 9.18
C LYS B 76 28.12 -7.12 9.24
N SER B 77 28.74 -8.29 9.24
CA SER B 77 30.21 -8.41 9.35
C SER B 77 30.67 -9.80 8.91
N LEU B 78 31.89 -9.84 8.39
CA LEU B 78 32.46 -11.03 7.83
C LEU B 78 33.96 -11.00 8.12
N SER B 79 34.45 -12.19 8.47
CA SER B 79 35.86 -12.45 8.70
C SER B 79 36.23 -13.71 7.94
N LEU B 80 37.38 -13.65 7.28
CA LEU B 80 37.99 -14.80 6.64
C LEU B 80 39.36 -15.08 7.31
N TRP B 81 39.69 -16.34 7.51
CA TRP B 81 41.03 -16.74 7.98
C TRP B 81 41.70 -17.56 6.90
N GLY B 82 42.99 -17.32 6.67
CA GLY B 82 43.84 -18.29 5.98
C GLY B 82 44.03 -19.52 6.88
N ASN B 83 44.75 -20.52 6.37
CA ASN B 83 45.04 -21.73 7.16
C ASN B 83 46.30 -21.64 8.01
N GLY B 84 46.95 -20.48 8.06
CA GLY B 84 48.17 -20.29 8.87
C GLY B 84 49.41 -20.28 8.00
N ALA B 85 49.52 -21.31 7.15
CA ALA B 85 50.59 -21.41 6.12
C ALA B 85 50.53 -20.32 5.04
N GLY B 86 49.32 -19.87 4.70
CA GLY B 86 49.12 -18.97 3.58
C GLY B 86 48.93 -19.74 2.28
N THR B 87 48.36 -20.94 2.41
CA THR B 87 48.18 -21.85 1.27
C THR B 87 46.73 -22.29 1.06
N ARG B 88 45.87 -22.16 2.07
CA ARG B 88 44.45 -22.45 1.91
C ARG B 88 43.60 -21.37 2.57
N LEU B 89 42.29 -21.46 2.34
CA LEU B 89 41.34 -20.74 3.14
C LEU B 89 41.12 -21.63 4.34
N GLY B 90 41.16 -21.03 5.52
CA GLY B 90 41.01 -21.76 6.80
C GLY B 90 39.66 -21.68 7.49
N ALA B 91 39.00 -20.50 7.42
CA ALA B 91 37.69 -20.31 8.07
C ALA B 91 36.85 -19.16 7.48
N ILE B 92 35.52 -19.24 7.69
CA ILE B 92 34.56 -18.19 7.34
C ILE B 92 33.68 -17.91 8.55
N LYS B 93 33.52 -16.64 8.91
CA LYS B 93 32.57 -16.25 9.94
C LYS B 93 31.81 -15.03 9.47
N PHE B 94 30.49 -15.09 9.56
CA PHE B 94 29.71 -13.90 9.42
C PHE B 94 28.60 -13.80 10.43
N ILE B 95 28.16 -12.55 10.66
CA ILE B 95 27.02 -12.22 11.51
C ILE B 95 26.08 -11.39 10.67
N THR B 96 24.78 -11.71 10.74
CA THR B 96 23.78 -11.04 9.93
C THR B 96 23.18 -9.81 10.57
N SER B 97 22.41 -9.09 9.76
CA SER B 97 21.55 -7.99 10.21
C SER B 97 20.53 -8.39 11.32
N ARG B 98 20.24 -9.68 11.46
CA ARG B 98 19.38 -10.21 12.52
C ARG B 98 20.19 -10.91 13.62
N SER B 99 21.49 -10.61 13.71
CA SER B 99 22.36 -11.20 14.74
C SER B 99 22.51 -12.73 14.72
N ARG B 100 22.16 -13.37 13.60
CA ARG B 100 22.37 -14.81 13.44
C ARG B 100 23.82 -15.00 13.00
N GLU B 101 24.41 -16.12 13.43
CA GLU B 101 25.85 -16.32 13.32
C GLU B 101 26.14 -17.60 12.53
N PHE B 102 27.21 -17.58 11.75
CA PHE B 102 27.64 -18.76 10.99
C PHE B 102 29.14 -18.82 11.03
N PHE B 103 29.69 -19.98 11.40
CA PHE B 103 31.14 -20.12 11.63
C PHE B 103 31.58 -21.51 11.21
N ALA B 104 32.52 -21.57 10.25
CA ALA B 104 33.04 -22.85 9.73
C ALA B 104 34.54 -22.74 9.65
N LYS B 105 35.23 -23.68 10.30
CA LYS B 105 36.69 -23.60 10.60
C LYS B 105 37.38 -24.96 10.40
N MET B 106 38.68 -24.88 10.09
CA MET B 106 39.64 -25.99 10.31
C MET B 106 39.37 -26.76 11.59
N THR B 107 39.36 -28.09 11.52
CA THR B 107 39.24 -28.96 12.70
C THR B 107 40.58 -29.18 13.42
N ASP B 108 41.66 -29.41 12.66
CA ASP B 108 42.98 -29.79 13.23
C ASP B 108 43.90 -28.59 13.56
N TRP B 109 44.44 -27.91 12.56
CA TRP B 109 45.27 -26.71 12.82
C TRP B 109 44.38 -25.66 13.47
N GLY B 110 44.93 -24.95 14.46
CA GLY B 110 44.26 -23.82 15.07
C GLY B 110 44.34 -22.61 14.16
N LEU B 111 43.46 -21.64 14.38
CA LEU B 111 43.35 -20.43 13.54
C LEU B 111 44.40 -19.40 13.91
N LYS B 112 44.81 -18.59 12.95
CA LYS B 112 45.84 -17.57 13.17
C LYS B 112 45.30 -16.17 12.81
N THR B 113 45.81 -15.47 11.79
CA THR B 113 45.36 -14.07 11.51
C THR B 113 43.92 -13.98 10.93
N GLU B 114 43.08 -13.20 11.63
CA GLU B 114 41.69 -12.94 11.27
C GLU B 114 41.60 -11.66 10.43
N TYR B 115 41.25 -11.79 9.14
CA TYR B 115 41.01 -10.65 8.26
C TYR B 115 39.52 -10.24 8.32
N LYS B 116 39.29 -9.01 8.77
CA LYS B 116 37.95 -8.46 8.88
C LYS B 116 37.60 -7.76 7.59
N ILE B 117 36.49 -8.18 6.99
CA ILE B 117 36.14 -7.71 5.64
C ILE B 117 35.16 -6.53 5.68
N ASP B 118 35.42 -5.50 4.88
CA ASP B 118 34.45 -4.44 4.59
C ASP B 118 33.33 -5.02 3.72
N VAL B 119 32.15 -5.17 4.30
CA VAL B 119 31.04 -5.80 3.62
C VAL B 119 30.17 -4.85 2.73
N GLY B 120 30.56 -3.58 2.61
CA GLY B 120 29.84 -2.56 1.88
C GLY B 120 28.40 -2.43 2.35
N SER B 121 27.45 -2.81 1.49
CA SER B 121 26.04 -2.83 1.85
C SER B 121 25.64 -4.04 2.67
N GLY B 122 26.47 -5.07 2.69
CA GLY B 122 26.10 -6.38 3.26
C GLY B 122 25.30 -7.25 2.31
N ILE B 123 25.01 -6.77 1.10
CA ILE B 123 24.26 -7.54 0.13
C ILE B 123 25.33 -8.20 -0.74
N CYS B 124 25.36 -9.54 -0.70
CA CYS B 124 26.40 -10.33 -1.31
C CYS B 124 25.95 -10.85 -2.65
N LEU B 125 26.78 -10.69 -3.68
CA LEU B 125 26.49 -11.19 -5.05
C LEU B 125 27.06 -12.59 -5.34
N GLY B 126 27.76 -13.14 -4.35
CA GLY B 126 28.34 -14.47 -4.44
C GLY B 126 29.78 -14.50 -4.02
N VAL B 127 30.55 -15.38 -4.65
CA VAL B 127 31.93 -15.62 -4.27
C VAL B 127 32.85 -15.75 -5.46
N GLN B 128 34.13 -15.53 -5.21
CA GLN B 128 35.18 -15.65 -6.19
C GLN B 128 36.45 -16.16 -5.49
N GLY B 129 37.22 -17.01 -6.18
CA GLY B 129 38.48 -17.56 -5.67
C GLY B 129 39.03 -18.70 -6.53
N ARG B 130 39.82 -19.59 -5.90
CA ARG B 130 40.49 -20.69 -6.62
C ARG B 130 40.34 -21.98 -5.85
N GLY B 131 40.11 -23.08 -6.55
CA GLY B 131 39.84 -24.36 -5.89
C GLY B 131 40.27 -25.55 -6.74
N GLY B 132 40.45 -26.68 -6.07
CA GLY B 132 40.72 -27.97 -6.72
C GLY B 132 40.11 -29.04 -5.83
N SER B 133 40.97 -29.70 -5.05
CA SER B 133 40.52 -30.62 -3.99
C SER B 133 40.00 -29.81 -2.80
N ASP B 134 40.59 -28.65 -2.57
CA ASP B 134 40.19 -27.75 -1.50
C ASP B 134 39.77 -26.36 -2.03
N ILE B 135 39.44 -25.45 -1.12
CA ILE B 135 39.29 -24.04 -1.44
C ILE B 135 40.64 -23.43 -1.17
N ASP B 136 41.39 -23.22 -2.23
CA ASP B 136 42.69 -22.57 -2.12
C ASP B 136 42.55 -21.14 -1.61
N SER B 137 41.62 -20.38 -2.20
CA SER B 137 41.35 -19.00 -1.78
C SER B 137 39.88 -18.69 -2.09
N MET B 138 39.32 -17.73 -1.36
CA MET B 138 37.96 -17.27 -1.65
C MET B 138 37.70 -15.91 -1.02
N GLY B 139 36.84 -15.14 -1.68
CA GLY B 139 36.24 -13.93 -1.11
C GLY B 139 34.75 -13.89 -1.40
N PHE B 140 34.06 -12.97 -0.72
CA PHE B 140 32.64 -12.72 -0.93
C PHE B 140 32.44 -11.42 -1.71
N ILE B 141 31.70 -11.44 -2.81
CA ILE B 141 31.46 -10.21 -3.59
C ILE B 141 30.30 -9.44 -2.97
N PHE B 142 30.54 -8.19 -2.60
CA PHE B 142 29.53 -7.31 -2.02
C PHE B 142 29.28 -6.08 -2.87
N ILE B 143 28.02 -5.66 -2.92
CA ILE B 143 27.65 -4.36 -3.47
C ILE B 143 28.02 -3.34 -2.39
N ASN B 144 28.76 -2.33 -2.78
CA ASN B 144 29.05 -1.21 -1.90
C ASN B 144 27.77 -0.52 -1.43
N ALA B 145 27.89 0.30 -0.39
CA ALA B 145 26.77 0.95 0.23
C ALA B 145 25.89 1.59 -0.83
N ILE B 146 24.60 1.30 -0.73
CA ILE B 146 23.63 1.69 -1.72
C ILE B 146 22.95 3.01 -1.38
N LYS B 147 22.80 3.86 -2.37
CA LYS B 147 22.02 5.07 -2.25
C LYS B 147 20.60 4.85 -2.81
N SER B 148 20.47 4.19 -3.94
CA SER B 148 19.16 3.99 -4.52
C SER B 148 19.06 2.76 -5.37
N SER B 149 17.83 2.28 -5.51
CA SER B 149 17.48 1.12 -6.28
C SER B 149 16.23 1.44 -7.06
N VAL B 150 16.37 1.81 -8.34
CA VAL B 150 15.24 2.29 -9.12
C VAL B 150 15.04 1.45 -10.38
N ILE B 151 13.80 1.00 -10.60
CA ILE B 151 13.40 0.32 -11.84
C ILE B 151 13.01 1.43 -12.80
N GLN B 152 13.58 1.44 -14.01
CA GLN B 152 13.38 2.54 -14.95
C GLN B 152 13.40 2.02 -16.38
N ASP B 153 13.30 2.92 -17.37
CA ASP B 153 13.17 2.60 -18.82
C ASP B 153 12.07 1.58 -19.04
N MET B 154 10.91 1.86 -18.43
CA MET B 154 9.82 0.89 -18.43
C MET B 154 9.20 0.78 -19.81
N LYS B 155 9.08 -0.45 -20.30
CA LYS B 155 8.47 -0.70 -21.60
C LYS B 155 7.43 -1.81 -21.51
N TYR B 156 6.34 -1.65 -22.26
CA TYR B 156 5.30 -2.64 -22.41
C TYR B 156 5.31 -3.03 -23.89
N PRO B 157 6.18 -3.97 -24.29
CA PRO B 157 6.45 -4.13 -25.73
C PRO B 157 5.29 -4.71 -26.56
N THR B 158 4.35 -5.40 -25.91
CA THR B 158 3.13 -5.89 -26.58
C THR B 158 1.92 -4.98 -26.49
N MET B 159 2.01 -3.85 -25.77
CA MET B 159 0.84 -2.96 -25.57
C MET B 159 0.28 -2.41 -26.89
N HIS B 160 1.17 -2.02 -27.79
CA HIS B 160 0.79 -1.52 -29.12
C HIS B 160 0.02 -2.52 -30.03
N GLN B 161 0.00 -3.81 -29.65
CA GLN B 161 -0.71 -4.86 -30.42
C GLN B 161 -1.93 -5.44 -29.72
N ILE B 162 -2.37 -4.86 -28.59
CA ILE B 162 -3.45 -5.47 -27.79
C ILE B 162 -4.54 -4.44 -27.44
N LEU B 163 -5.79 -4.92 -27.48
CA LEU B 163 -6.97 -4.13 -27.14
C LEU B 163 -7.38 -4.36 -25.67
N PRO B 164 -7.68 -3.27 -24.94
CA PRO B 164 -8.22 -3.40 -23.59
C PRO B 164 -9.57 -4.11 -23.50
N ASN B 165 -9.73 -5.02 -22.55
CA ASN B 165 -11.05 -5.56 -22.21
C ASN B 165 -11.76 -4.66 -21.19
N VAL B 166 -12.63 -3.79 -21.68
CA VAL B 166 -13.32 -2.85 -20.82
C VAL B 166 -14.72 -3.36 -20.56
N GLN B 167 -15.01 -3.64 -19.30
CA GLN B 167 -16.34 -4.04 -18.84
C GLN B 167 -17.06 -2.80 -18.27
N MET B 168 -18.29 -2.56 -18.72
CA MET B 168 -19.09 -1.48 -18.24
C MET B 168 -19.87 -1.89 -16.98
N GLU B 169 -20.09 -0.93 -16.07
CA GLU B 169 -20.96 -1.16 -14.92
C GLU B 169 -21.74 0.08 -14.66
N GLU B 170 -22.98 -0.13 -14.26
CA GLU B 170 -23.88 0.98 -13.97
C GLU B 170 -23.56 1.53 -12.58
N ILE B 171 -23.75 2.84 -12.44
CA ILE B 171 -23.50 3.52 -11.20
C ILE B 171 -24.76 4.09 -10.61
N LYS B 172 -25.64 4.66 -11.44
CA LYS B 172 -26.78 5.40 -10.94
C LYS B 172 -27.81 5.53 -12.01
N GLU B 173 -29.09 5.49 -11.63
CA GLU B 173 -30.16 5.71 -12.58
C GLU B 173 -31.19 6.70 -11.99
N MET B 174 -31.67 7.61 -12.82
CA MET B 174 -32.59 8.65 -12.39
C MET B 174 -33.50 8.89 -13.58
N GLU B 175 -34.69 9.39 -13.29
CA GLU B 175 -35.68 9.63 -14.31
C GLU B 175 -36.27 11.00 -14.09
N TYR B 176 -36.49 11.74 -15.17
CA TYR B 176 -37.14 13.02 -15.08
C TYR B 176 -38.35 12.99 -15.99
N LYS B 177 -39.52 13.29 -15.42
CA LYS B 177 -40.75 13.27 -16.16
C LYS B 177 -41.31 14.69 -16.23
N ASN B 178 -41.39 15.26 -17.43
CA ASN B 178 -41.95 16.61 -17.60
C ASN B 178 -43.39 16.46 -18.07
N ASP B 179 -44.35 16.65 -17.17
CA ASP B 179 -45.76 16.58 -17.55
C ASP B 179 -46.36 17.98 -17.75
N THR B 180 -45.52 18.98 -18.03
CA THR B 180 -45.96 20.34 -18.27
C THR B 180 -45.65 20.68 -19.74
N SER B 181 -46.02 21.91 -20.11
CA SER B 181 -45.79 22.46 -21.44
C SER B 181 -44.76 23.61 -21.40
N ILE B 182 -43.83 23.55 -20.44
CA ILE B 182 -42.70 24.46 -20.37
C ILE B 182 -41.51 23.52 -20.31
N VAL B 183 -40.50 23.77 -21.13
CA VAL B 183 -39.27 22.93 -21.10
C VAL B 183 -38.66 22.97 -19.69
N GLN B 184 -38.18 21.83 -19.21
CA GLN B 184 -37.54 21.80 -17.88
C GLN B 184 -36.07 21.49 -17.99
N SER B 185 -35.35 21.93 -16.98
CA SER B 185 -33.89 21.72 -16.91
C SER B 185 -33.50 21.26 -15.51
N TYR B 186 -32.78 20.16 -15.42
CA TYR B 186 -32.23 19.67 -14.14
C TYR B 186 -30.74 19.47 -14.26
N THR B 187 -30.08 19.32 -13.12
CA THR B 187 -28.68 18.90 -13.07
C THR B 187 -28.59 17.42 -12.57
N PHE B 188 -27.99 16.55 -13.37
CA PHE B 188 -27.66 15.21 -12.98
C PHE B 188 -26.27 15.24 -12.38
N GLU B 189 -26.08 14.50 -11.28
CA GLU B 189 -24.78 14.30 -10.62
C GLU B 189 -24.64 12.83 -10.17
N SER B 190 -23.45 12.30 -10.24
CA SER B 190 -23.18 10.94 -9.80
C SER B 190 -21.70 10.86 -9.44
N SER B 191 -21.36 10.01 -8.50
CA SER B 191 -19.98 9.73 -8.06
C SER B 191 -19.78 8.25 -7.73
N LYS B 192 -18.54 7.82 -7.84
CA LYS B 192 -18.11 6.48 -7.56
C LYS B 192 -16.67 6.41 -7.03
N LYS B 193 -16.54 5.78 -5.86
CA LYS B 193 -15.25 5.37 -5.37
C LYS B 193 -14.67 4.29 -6.26
N ILE B 194 -13.41 4.46 -6.67
CA ILE B 194 -12.64 3.45 -7.38
C ILE B 194 -11.28 3.24 -6.74
N ILE B 195 -10.74 2.04 -6.95
CA ILE B 195 -9.42 1.68 -6.45
C ILE B 195 -8.65 1.20 -7.68
N LYS B 196 -7.66 1.98 -8.09
CA LYS B 196 -6.76 1.61 -9.16
C LYS B 196 -5.65 0.83 -8.52
N LYS B 197 -5.05 -0.06 -9.31
CA LYS B 197 -3.96 -0.91 -8.85
C LYS B 197 -2.93 -1.08 -9.96
N SER B 198 -1.70 -1.25 -9.54
CA SER B 198 -0.53 -1.42 -10.37
C SER B 198 0.40 -2.41 -9.64
N SER B 199 0.82 -3.45 -10.34
CA SER B 199 1.79 -4.40 -9.81
C SER B 199 2.79 -4.74 -10.91
N TRP B 200 4.08 -4.58 -10.63
CA TRP B 200 5.15 -5.13 -11.47
C TRP B 200 5.76 -6.34 -10.79
N SER B 201 5.68 -7.50 -11.45
CA SER B 201 6.28 -8.71 -10.90
C SER B 201 7.79 -8.52 -10.76
N THR B 202 8.32 -9.08 -9.69
CA THR B 202 9.74 -9.14 -9.45
C THR B 202 10.13 -10.58 -9.13
N THR B 203 11.41 -10.86 -9.31
CA THR B 203 12.00 -12.15 -9.06
C THR B 203 13.35 -12.02 -8.34
N ASN B 204 13.94 -13.15 -7.94
CA ASN B 204 15.28 -13.20 -7.34
C ASN B 204 15.36 -12.43 -6.02
N LYS B 205 14.22 -12.29 -5.35
CA LYS B 205 14.10 -11.57 -4.09
C LYS B 205 14.52 -10.11 -4.13
N ILE B 206 14.57 -9.50 -5.30
CA ILE B 206 14.97 -8.09 -5.35
C ILE B 206 14.05 -7.15 -4.55
N GLU B 207 12.77 -7.51 -4.40
CA GLU B 207 11.83 -6.67 -3.61
C GLU B 207 12.13 -6.66 -2.11
N SER B 208 12.64 -7.77 -1.58
CA SER B 208 12.96 -7.87 -0.14
C SER B 208 14.41 -7.40 0.19
N THR B 209 15.30 -7.55 -0.79
CA THR B 209 16.70 -7.13 -0.67
C THR B 209 16.93 -5.63 -0.87
N PHE B 210 16.19 -5.01 -1.79
CA PHE B 210 16.46 -3.66 -2.19
C PHE B 210 15.18 -2.90 -1.93
N SER B 211 15.27 -1.61 -1.63
CA SER B 211 14.07 -0.82 -1.50
C SER B 211 13.75 -0.28 -2.90
N LEU B 212 12.85 -0.96 -3.60
CA LEU B 212 12.63 -0.67 -5.00
C LEU B 212 11.67 0.45 -5.16
N SER B 213 11.94 1.31 -6.11
CA SER B 213 10.94 2.21 -6.63
C SER B 213 10.91 2.10 -8.17
N VAL B 214 9.78 2.45 -8.74
CA VAL B 214 9.58 2.38 -10.15
C VAL B 214 9.29 3.76 -10.71
N LYS B 215 10.19 4.27 -11.55
CA LYS B 215 10.02 5.54 -12.29
C LYS B 215 9.47 5.18 -13.69
N ALA B 216 8.16 5.36 -13.86
CA ALA B 216 7.45 4.94 -15.09
C ALA B 216 6.05 5.49 -15.09
N GLY B 217 5.45 5.50 -16.28
CA GLY B 217 4.02 5.73 -16.39
C GLY B 217 3.34 4.39 -16.37
N ILE B 218 2.06 4.38 -15.98
CA ILE B 218 1.30 3.11 -15.98
C ILE B 218 0.32 3.03 -17.14
N PRO B 219 0.01 1.81 -17.59
CA PRO B 219 -1.05 1.63 -18.58
C PRO B 219 -2.37 2.22 -18.13
N GLU B 220 -2.92 3.10 -18.99
CA GLU B 220 -4.27 3.64 -18.85
C GLU B 220 -5.09 3.27 -20.09
N VAL B 221 -6.39 3.55 -20.03
CA VAL B 221 -7.29 3.30 -21.15
C VAL B 221 -7.89 4.61 -21.75
N MET B 222 -7.79 4.76 -23.06
CA MET B 222 -8.35 5.92 -23.76
C MET B 222 -9.57 5.54 -24.60
N GLU B 223 -10.70 6.19 -24.35
CA GLU B 223 -11.86 6.01 -25.21
C GLU B 223 -11.66 6.89 -26.44
N VAL B 224 -11.67 6.28 -27.62
CA VAL B 224 -11.70 7.03 -28.88
C VAL B 224 -13.04 6.74 -29.57
N GLU B 225 -13.27 7.33 -30.74
CA GLU B 225 -14.55 7.16 -31.43
C GLU B 225 -14.84 5.69 -31.80
N THR B 226 -13.80 4.92 -32.17
CA THR B 226 -13.96 3.52 -32.63
C THR B 226 -14.13 2.48 -31.51
N GLY B 227 -13.61 2.79 -30.32
CA GLY B 227 -13.57 1.85 -29.20
C GLY B 227 -12.51 2.24 -28.17
N PHE B 228 -11.76 1.26 -27.67
CA PHE B 228 -10.79 1.49 -26.61
C PHE B 228 -9.37 1.18 -26.98
N SER B 229 -8.47 2.07 -26.58
CA SER B 229 -7.03 1.90 -26.78
C SER B 229 -6.24 2.05 -25.47
N PHE B 230 -5.16 1.25 -25.34
CA PHE B 230 -4.12 1.47 -24.33
C PHE B 230 -3.21 2.65 -24.64
N THR B 231 -3.03 3.58 -23.69
CA THR B 231 -1.88 4.49 -23.68
C THR B 231 -1.14 4.29 -22.36
N VAL B 232 -0.01 4.98 -22.17
CA VAL B 232 0.64 5.06 -20.88
C VAL B 232 0.66 6.51 -20.42
N GLY B 233 0.23 6.73 -19.17
CA GLY B 233 0.06 8.05 -18.60
C GLY B 233 1.38 8.70 -18.26
N SER B 234 1.30 9.83 -17.55
CA SER B 234 2.48 10.61 -17.12
C SER B 234 3.39 9.75 -16.24
N GLU B 235 4.69 9.95 -16.38
CA GLU B 235 5.65 9.23 -15.58
C GLU B 235 5.63 9.77 -14.16
N SER B 236 5.79 8.90 -13.18
CA SER B 236 5.98 9.31 -11.79
C SER B 236 6.66 8.16 -11.06
N THR B 237 6.82 8.29 -9.74
CA THR B 237 7.52 7.31 -8.93
C THR B 237 6.53 6.47 -8.15
N HIS B 238 6.71 5.16 -8.22
CA HIS B 238 5.77 4.19 -7.72
C HIS B 238 6.48 3.14 -6.85
N ALA B 239 5.72 2.56 -5.94
CA ALA B 239 6.07 1.30 -5.32
C ALA B 239 5.83 0.20 -6.35
N VAL B 240 6.50 -0.91 -6.13
CA VAL B 240 6.36 -2.10 -6.96
C VAL B 240 4.94 -2.67 -6.95
N GLU B 241 4.23 -2.47 -5.84
CA GLU B 241 2.85 -2.87 -5.72
C GLU B 241 2.12 -1.73 -5.04
N GLU B 242 1.12 -1.20 -5.73
CA GLU B 242 0.55 0.08 -5.38
C GLU B 242 -0.96 0.06 -5.60
N SER B 243 -1.68 0.83 -4.80
CA SER B 243 -3.07 1.08 -5.06
C SER B 243 -3.39 2.53 -4.75
N GLU B 244 -4.32 3.10 -5.51
CA GLU B 244 -4.69 4.50 -5.43
C GLU B 244 -6.22 4.56 -5.35
N GLU B 245 -6.73 5.19 -4.30
CA GLU B 245 -8.16 5.40 -4.16
C GLU B 245 -8.52 6.81 -4.60
N LYS B 246 -9.69 6.90 -5.21
CA LYS B 246 -10.14 8.07 -5.92
C LYS B 246 -11.67 8.04 -6.01
N THR B 247 -12.25 9.23 -6.14
CA THR B 247 -13.65 9.40 -6.36
C THR B 247 -13.84 10.02 -7.72
N GLU B 248 -14.44 9.26 -8.64
CA GLU B 248 -14.83 9.77 -9.95
C GLU B 248 -16.18 10.47 -9.88
N THR B 249 -16.37 11.48 -10.73
CA THR B 249 -17.60 12.22 -10.76
C THR B 249 -18.05 12.49 -12.19
N LEU B 250 -19.31 12.88 -12.28
CA LEU B 250 -19.96 13.22 -13.52
C LEU B 250 -21.09 14.12 -13.19
N THR B 251 -21.20 15.22 -13.91
CA THR B 251 -22.35 16.10 -13.79
C THR B 251 -22.61 16.77 -15.15
N PHE B 252 -23.88 16.95 -15.45
CA PHE B 252 -24.32 17.66 -16.63
C PHE B 252 -25.78 18.16 -16.48
N PRO B 253 -26.16 19.16 -17.29
CA PRO B 253 -27.56 19.57 -17.35
C PRO B 253 -28.36 18.62 -18.17
N VAL B 254 -29.62 18.42 -17.77
CA VAL B 254 -30.53 17.56 -18.47
C VAL B 254 -31.72 18.39 -18.86
N THR B 255 -31.98 18.50 -20.15
CA THR B 255 -33.16 19.22 -20.59
C THR B 255 -34.27 18.20 -20.95
N VAL B 256 -35.45 18.49 -20.45
CA VAL B 256 -36.57 17.57 -20.55
C VAL B 256 -37.64 18.26 -21.37
N PRO B 257 -37.82 17.82 -22.62
CA PRO B 257 -38.88 18.37 -23.48
C PRO B 257 -40.28 18.33 -22.85
N THR B 258 -41.13 19.22 -23.31
CA THR B 258 -42.56 19.25 -22.94
C THR B 258 -43.22 17.90 -23.18
N HIS B 259 -43.90 17.38 -22.16
CA HIS B 259 -44.66 16.09 -22.21
C HIS B 259 -43.80 14.88 -22.53
N LYS B 260 -42.62 14.88 -21.93
CA LYS B 260 -41.65 13.83 -22.19
C LYS B 260 -40.97 13.39 -20.90
N THR B 261 -40.38 12.21 -20.96
CA THR B 261 -39.64 11.63 -19.86
C THR B 261 -38.18 11.41 -20.33
N VAL B 262 -37.20 11.77 -19.52
CA VAL B 262 -35.85 11.29 -19.81
C VAL B 262 -35.27 10.55 -18.63
N THR B 263 -34.64 9.44 -18.98
CA THR B 263 -34.06 8.50 -18.08
C THR B 263 -32.56 8.58 -18.32
N VAL B 264 -31.79 8.72 -17.24
CA VAL B 264 -30.34 8.84 -17.32
C VAL B 264 -29.71 7.74 -16.54
N VAL B 265 -28.75 7.06 -17.17
CA VAL B 265 -27.98 6.00 -16.52
C VAL B 265 -26.51 6.36 -16.64
N ALA B 266 -25.81 6.40 -15.50
CA ALA B 266 -24.38 6.70 -15.46
C ALA B 266 -23.65 5.40 -15.31
N ASN B 267 -22.53 5.28 -16.03
CA ASN B 267 -21.71 4.08 -16.10
C ASN B 267 -20.22 4.43 -16.01
N ILE B 268 -19.39 3.40 -15.76
CA ILE B 268 -17.95 3.52 -15.85
C ILE B 268 -17.42 2.25 -16.42
N GLY B 269 -16.25 2.35 -17.04
CA GLY B 269 -15.59 1.21 -17.64
C GLY B 269 -14.47 0.80 -16.73
N ARG B 270 -14.23 -0.49 -16.64
CA ARG B 270 -13.25 -1.08 -15.75
C ARG B 270 -12.41 -2.04 -16.60
N ALA B 271 -11.09 -1.90 -16.55
CA ALA B 271 -10.19 -2.78 -17.30
C ALA B 271 -9.16 -3.49 -16.38
N ASP B 272 -9.18 -4.83 -16.37
CA ASP B 272 -8.11 -5.64 -15.79
C ASP B 272 -7.02 -5.66 -16.82
N ILE B 273 -5.80 -5.31 -16.44
CA ILE B 273 -4.70 -5.21 -17.36
C ILE B 273 -3.65 -6.25 -16.98
N ASP B 274 -3.16 -6.97 -17.99
CA ASP B 274 -2.17 -8.03 -17.85
C ASP B 274 -1.24 -7.94 -19.07
N LEU B 275 -0.02 -7.43 -18.89
CA LEU B 275 0.88 -7.05 -19.98
C LEU B 275 2.31 -7.43 -19.60
N PRO B 276 3.12 -7.91 -20.56
CA PRO B 276 4.54 -8.12 -20.23
C PRO B 276 5.26 -6.79 -20.17
N TYR B 277 6.33 -6.73 -19.38
CA TYR B 277 7.13 -5.51 -19.32
C TYR B 277 8.63 -5.80 -19.42
N THR B 278 9.38 -4.80 -19.86
CA THR B 278 10.83 -4.81 -19.73
C THR B 278 11.23 -3.49 -19.10
N ALA B 279 12.29 -3.54 -18.31
CA ALA B 279 12.81 -2.36 -17.65
C ALA B 279 14.25 -2.63 -17.23
N LEU B 280 14.90 -1.66 -16.63
CA LEU B 280 16.19 -1.92 -16.02
C LEU B 280 16.20 -1.49 -14.57
N LEU B 281 16.81 -2.35 -13.75
CA LEU B 281 17.10 -2.04 -12.37
C LEU B 281 18.48 -1.40 -12.32
N ARG B 282 18.54 -0.15 -11.87
CA ARG B 282 19.77 0.53 -11.63
C ARG B 282 19.94 0.69 -10.12
N ILE B 283 21.02 0.11 -9.61
CA ILE B 283 21.42 0.23 -8.23
C ILE B 283 22.57 1.21 -8.21
N THR B 284 22.41 2.31 -7.50
CA THR B 284 23.39 3.37 -7.47
C THR B 284 23.98 3.39 -6.06
N CYS B 285 25.30 3.30 -5.98
CA CYS B 285 25.98 3.33 -4.68
C CYS B 285 26.19 4.75 -4.14
N VAL B 286 26.46 4.81 -2.85
CA VAL B 286 26.81 6.05 -2.18
C VAL B 286 28.03 6.71 -2.88
N ASN B 287 29.02 5.90 -3.22
CA ASN B 287 30.21 6.39 -3.93
C ASN B 287 29.95 6.93 -5.36
N GLY B 288 28.78 6.66 -5.94
CA GLY B 288 28.37 7.15 -7.26
C GLY B 288 28.44 6.13 -8.40
N ALA B 289 29.14 5.02 -8.18
CA ALA B 289 29.12 3.89 -9.10
C ALA B 289 27.76 3.22 -9.11
N SER B 290 27.51 2.45 -10.14
CA SER B 290 26.21 1.86 -10.33
C SER B 290 26.29 0.49 -11.00
N LEU B 291 25.16 -0.21 -10.96
CA LEU B 291 24.99 -1.58 -11.43
C LEU B 291 23.66 -1.59 -12.15
N ASP B 292 23.61 -2.08 -13.38
CA ASP B 292 22.37 -2.21 -14.14
C ASP B 292 22.05 -3.68 -14.34
N ALA B 293 20.77 -4.04 -14.24
CA ALA B 293 20.36 -5.40 -14.51
C ALA B 293 19.12 -5.34 -15.34
N PRO B 294 19.13 -5.97 -16.53
CA PRO B 294 17.86 -6.00 -17.32
C PRO B 294 16.76 -6.77 -16.58
N LEU B 295 15.51 -6.31 -16.70
CA LEU B 295 14.37 -6.95 -16.05
C LEU B 295 13.31 -7.29 -17.05
N SER B 296 12.60 -8.37 -16.80
CA SER B 296 11.47 -8.74 -17.63
C SER B 296 10.39 -9.31 -16.73
N GLY B 297 9.13 -8.98 -17.00
CA GLY B 297 8.04 -9.60 -16.21
C GLY B 297 6.65 -9.24 -16.65
N ILE B 298 5.69 -9.38 -15.73
CA ILE B 298 4.29 -9.07 -15.98
C ILE B 298 3.80 -7.86 -15.12
N TYR B 299 3.19 -6.89 -15.79
CA TYR B 299 2.47 -5.82 -15.14
C TYR B 299 1.00 -6.22 -15.01
N LYS B 300 0.48 -6.23 -13.78
CA LYS B 300 -0.94 -6.45 -13.54
C LYS B 300 -1.47 -5.14 -12.99
N GLY B 301 -2.59 -4.70 -13.54
CA GLY B 301 -3.18 -3.43 -13.25
C GLY B 301 -4.68 -3.46 -13.24
N LEU B 302 -5.24 -2.51 -12.54
CA LEU B 302 -6.66 -2.28 -12.58
C LEU B 302 -6.90 -0.81 -12.82
N THR B 303 -7.66 -0.50 -13.86
CA THR B 303 -7.97 0.89 -14.12
C THR B 303 -9.39 1.09 -14.55
N TYR B 304 -9.77 2.35 -14.62
CA TYR B 304 -11.13 2.73 -14.96
C TYR B 304 -11.06 3.81 -16.01
N THR B 305 -12.09 3.90 -16.83
CA THR B 305 -12.30 5.03 -17.70
C THR B 305 -12.92 6.13 -16.84
N LYS B 306 -13.26 7.22 -17.51
CA LYS B 306 -14.09 8.28 -16.92
C LYS B 306 -15.53 7.84 -16.97
N MET B 307 -16.35 8.46 -16.13
CA MET B 307 -17.74 8.12 -16.07
C MET B 307 -18.44 8.74 -17.26
N THR B 308 -19.45 8.04 -17.78
CA THR B 308 -20.27 8.51 -18.87
C THR B 308 -21.73 8.30 -18.53
N ALA B 309 -22.59 8.75 -19.42
CA ALA B 309 -24.01 8.56 -19.24
C ALA B 309 -24.77 8.49 -20.55
N VAL B 310 -25.84 7.72 -20.52
CA VAL B 310 -26.80 7.58 -21.59
C VAL B 310 -28.09 8.19 -21.06
N ALA B 311 -28.58 9.20 -21.78
CA ALA B 311 -29.88 9.82 -21.51
C ALA B 311 -30.81 9.46 -22.63
N THR B 312 -31.91 8.81 -22.31
CA THR B 312 -32.85 8.42 -23.36
C THR B 312 -34.25 8.98 -23.10
N GLU B 313 -34.89 9.40 -24.18
CA GLU B 313 -36.18 10.07 -24.17
C GLU B 313 -37.26 9.02 -24.42
N SER B 314 -38.41 9.15 -23.75
CA SER B 314 -39.55 8.18 -23.88
C SER B 314 -40.95 8.81 -23.77
C1 EDO C . -23.87 2.71 1.54
O1 EDO C . -23.40 2.35 2.85
C2 EDO C . -25.32 2.22 1.37
O2 EDO C . -26.20 3.26 0.86
C1 EDO D . -20.05 6.63 -4.52
O1 EDO D . -21.38 6.61 -5.04
C2 EDO D . -19.76 5.14 -4.57
O2 EDO D . -18.44 4.76 -4.18
C1 EDO E . 37.24 8.30 13.83
O1 EDO E . 37.51 9.50 13.07
C2 EDO E . 38.40 8.03 14.78
O2 EDO E . 38.00 8.14 16.15
C1 EDO F . -25.71 -5.70 11.48
O1 EDO F . -26.09 -6.83 10.69
C2 EDO F . -24.81 -6.19 12.61
O2 EDO F . -25.16 -5.47 13.79
C1 EDO G . -9.13 9.31 21.31
O1 EDO G . -8.41 10.42 20.71
C2 EDO G . -8.44 7.95 21.08
O2 EDO G . -9.28 7.03 20.34
C1 EDO H . 4.41 6.29 5.37
O1 EDO H . 4.45 7.09 4.19
C2 EDO H . 5.48 6.79 6.35
O2 EDO H . 5.12 6.41 7.68
CL CL I . -48.72 14.06 10.76
C1 GOL J . -51.60 7.28 12.14
O1 GOL J . -51.04 8.18 11.17
C2 GOL J . -50.79 6.01 12.26
O2 GOL J . -51.28 5.11 13.25
C3 GOL J . -50.77 5.24 10.94
O3 GOL J . -49.43 4.74 10.85
C1 EDO K . 22.45 -11.60 1.54
O1 EDO K . 23.72 -10.91 1.63
C2 EDO K . 21.28 -10.67 1.21
O2 EDO K . 20.42 -11.29 0.20
C1 EDO L . -45.11 11.91 -20.29
O1 EDO L . -43.77 11.39 -20.14
C2 EDO L . -45.18 13.29 -19.63
O2 EDO L . -46.49 13.89 -19.78
C1 EDO M . -23.05 13.36 -20.87
O1 EDO M . -22.18 12.18 -20.80
C2 EDO M . -24.57 13.06 -20.97
O2 EDO M . -24.85 12.06 -21.96
C1 EDO N . -15.27 -0.99 -6.15
O1 EDO N . -14.91 0.41 -6.03
C2 EDO N . -16.62 -1.18 -6.88
O2 EDO N . -16.46 -1.14 -8.31
CL CL O . -10.61 1.06 0.52
CL CL P . -30.92 15.34 -10.90
CL CL Q . 34.85 -9.12 -0.07
C1 PEG R . 18.84 -7.20 2.86
O1 PEG R . 18.74 -8.38 2.03
C2 PEG R . 18.43 -5.83 2.32
O2 PEG R . 18.68 -4.75 3.27
C3 PEG R . 19.61 -3.69 2.90
C4 PEG R . 20.74 -3.54 3.95
O4 PEG R . 21.95 -2.80 3.58
C1 GOL S . -28.95 15.03 -22.68
O1 GOL S . -27.82 15.04 -21.77
C2 GOL S . -30.27 15.55 -22.04
O2 GOL S . -30.31 17.00 -21.92
C3 GOL S . -31.59 15.15 -22.75
O3 GOL S . -31.42 14.34 -23.92
C1 GOL T . 44.15 -27.78 -3.56
O1 GOL T . 42.77 -27.52 -3.27
C2 GOL T . 44.30 -27.97 -5.06
O2 GOL T . 44.06 -29.33 -5.34
C3 GOL T . 45.68 -27.62 -5.60
O3 GOL T . 46.13 -26.40 -5.06
C1 GOL U . -1.28 3.42 -8.60
O1 GOL U . -0.87 4.39 -7.62
C2 GOL U . -2.28 4.04 -9.59
O2 GOL U . -1.81 5.28 -10.12
C3 GOL U . -2.44 3.11 -10.78
O3 GOL U . -2.87 1.80 -10.49
#